data_4ZPI
#
_entry.id   4ZPI
#
_cell.length_a   54.400
_cell.length_b   108.989
_cell.length_c   221.584
_cell.angle_alpha   90.000
_cell.angle_beta   90.000
_cell.angle_gamma   90.000
#
_symmetry.space_group_name_H-M   'P 21 21 21'
#
loop_
_entity.id
_entity.type
_entity.pdbx_description
1 polymer 'Putative oxidase/hydroxylase'
2 non-polymer 'FE (II) ION'
3 non-polymer 'SUCCINIC ACID'
4 water water
#
_entity_poly.entity_id   1
_entity_poly.type   'polypeptide(L)'
_entity_poly.pdbx_seq_one_letter_code
;VPALTREQLYIFDTTGFLVIPGVFGSGEVESFRSELERLDTVDPGFPRTRRYPDLPAASPVFARLALDDRLLAPVRDVVN
QPLRLLEGYGLRRTKDSVLYLHGGNSELLDLGDRQVGRDLSITHTYHDGKLYCPYVKALVYLSDIQSPEDGSFCYVQGSH
KANFPLLRERAERGENTSLVDSGFPTLSDVFVRSGDVLLLNEALMHGTRRKLTEGDRLLTAFGYGPTFFTEWRELDAETA
DLRGAGYVDHDVEEDFVL
;
_entity_poly.pdbx_strand_id   A,B,C,D
#
# COMPACT_ATOMS: atom_id res chain seq x y z
N ALA A 3 12.22 -22.56 -10.46
CA ALA A 3 11.17 -21.76 -9.83
C ALA A 3 11.18 -21.90 -8.30
N LEU A 4 11.01 -20.77 -7.64
CA LEU A 4 11.02 -20.70 -6.18
C LEU A 4 9.81 -21.38 -5.56
N THR A 5 10.04 -21.97 -4.40
CA THR A 5 8.97 -22.57 -3.62
C THR A 5 8.24 -21.49 -2.84
N ARG A 6 7.06 -21.84 -2.32
CA ARG A 6 6.33 -20.94 -1.47
C ARG A 6 7.18 -20.49 -0.26
N GLU A 7 7.95 -21.40 0.32
CA GLU A 7 8.79 -21.02 1.45
C GLU A 7 9.88 -20.02 1.03
N GLN A 8 10.40 -20.19 -0.18
CA GLN A 8 11.42 -19.28 -0.72
C GLN A 8 10.85 -17.91 -1.09
N LEU A 9 9.66 -17.88 -1.69
CA LEU A 9 8.96 -16.63 -1.91
C LEU A 9 8.69 -15.91 -0.57
N TYR A 10 8.26 -16.66 0.43
CA TYR A 10 7.99 -16.08 1.74
C TYR A 10 9.23 -15.39 2.29
N ILE A 11 10.35 -16.11 2.24
CA ILE A 11 11.61 -15.60 2.77
C ILE A 11 12.09 -14.38 1.99
N PHE A 12 12.02 -14.43 0.66
CA PHE A 12 12.41 -13.28 -0.16
C PHE A 12 11.55 -12.05 0.12
N ASP A 13 10.23 -12.24 0.18
CA ASP A 13 9.31 -11.16 0.49
C ASP A 13 9.59 -10.59 1.88
N THR A 14 9.77 -11.46 2.87
CA THR A 14 9.91 -10.97 4.26
C THR A 14 11.30 -10.44 4.62
N THR A 15 12.34 -10.82 3.88
CA THR A 15 13.69 -10.38 4.28
C THR A 15 14.41 -9.58 3.21
N GLY A 16 13.87 -9.57 1.99
CA GLY A 16 14.46 -8.81 0.90
C GLY A 16 15.53 -9.53 0.07
N PHE A 17 15.77 -10.81 0.37
CA PHE A 17 16.78 -11.55 -0.38
C PHE A 17 16.64 -13.04 -0.14
N LEU A 18 17.32 -13.83 -0.96
CA LEU A 18 17.25 -15.30 -0.86
C LEU A 18 18.59 -15.88 -1.22
N VAL A 19 19.15 -16.70 -0.33
CA VAL A 19 20.35 -17.44 -0.70
C VAL A 19 19.91 -18.82 -1.16
N ILE A 20 20.15 -19.07 -2.44
CA ILE A 20 19.86 -20.35 -3.06
C ILE A 20 21.14 -21.18 -3.10
N PRO A 21 21.18 -22.28 -2.33
CA PRO A 21 22.45 -23.00 -2.10
C PRO A 21 22.86 -23.91 -3.25
N GLY A 22 24.11 -23.78 -3.71
CA GLY A 22 24.72 -24.73 -4.62
C GLY A 22 24.07 -24.81 -5.99
N VAL A 23 23.88 -23.66 -6.62
CA VAL A 23 23.25 -23.58 -7.93
C VAL A 23 24.24 -24.00 -9.03
N PHE A 24 25.52 -23.76 -8.79
CA PHE A 24 26.56 -24.19 -9.71
C PHE A 24 27.57 -25.06 -8.99
N GLY A 25 27.97 -26.14 -9.66
CA GLY A 25 28.94 -27.09 -9.14
C GLY A 25 30.35 -26.53 -9.16
N SER A 26 31.25 -27.21 -8.47
CA SER A 26 32.63 -26.75 -8.37
C SER A 26 33.24 -26.64 -9.77
N GLY A 27 32.80 -27.48 -10.69
CA GLY A 27 33.27 -27.48 -12.06
C GLY A 27 32.96 -26.21 -12.83
N GLU A 28 31.68 -25.82 -12.84
CA GLU A 28 31.29 -24.53 -13.40
C GLU A 28 31.94 -23.36 -12.65
N VAL A 29 32.07 -23.46 -11.33
CA VAL A 29 32.63 -22.37 -10.55
C VAL A 29 34.05 -22.05 -10.98
N GLU A 30 34.90 -23.08 -11.06
CA GLU A 30 36.29 -22.84 -11.49
C GLU A 30 36.31 -22.39 -12.95
N SER A 31 35.41 -22.95 -13.76
CA SER A 31 35.25 -22.45 -15.11
C SER A 31 34.96 -20.93 -15.14
N PHE A 32 34.07 -20.47 -14.27
CA PHE A 32 33.76 -19.03 -14.19
C PHE A 32 34.94 -18.24 -13.63
N ARG A 33 35.61 -18.79 -12.64
CA ARG A 33 36.77 -18.14 -12.03
C ARG A 33 37.92 -17.93 -13.01
N SER A 34 38.17 -18.93 -13.84
CA SER A 34 39.25 -18.84 -14.82
C SER A 34 38.97 -17.78 -15.86
N GLU A 35 37.69 -17.58 -16.18
CA GLU A 35 37.33 -16.59 -17.18
C GLU A 35 37.59 -15.18 -16.69
N LEU A 36 37.43 -14.97 -15.38
CA LEU A 36 37.76 -13.70 -14.75
C LEU A 36 39.26 -13.39 -14.82
N GLU A 37 40.09 -14.40 -14.63
CA GLU A 37 41.54 -14.27 -14.75
C GLU A 37 41.93 -13.83 -16.15
N ARG A 38 41.45 -14.57 -17.15
CA ARG A 38 41.76 -14.28 -18.55
C ARG A 38 41.46 -12.82 -18.91
N LEU A 39 40.52 -12.22 -18.16
CA LEU A 39 40.14 -10.81 -18.34
C LEU A 39 41.02 -9.79 -17.59
N ASP A 40 41.91 -10.27 -16.71
CA ASP A 40 42.81 -9.37 -15.96
C ASP A 40 43.82 -8.65 -16.87
N THR A 49 39.63 -3.70 -4.11
CA THR A 49 38.53 -3.96 -5.03
C THR A 49 38.85 -3.63 -6.49
N ARG A 50 38.63 -4.59 -7.38
CA ARG A 50 38.65 -4.37 -8.83
C ARG A 50 37.29 -4.76 -9.42
N ARG A 51 36.78 -3.92 -10.31
CA ARG A 51 35.50 -4.21 -10.95
C ARG A 51 35.71 -4.63 -12.40
N TYR A 52 35.00 -5.67 -12.82
CA TYR A 52 34.99 -6.12 -14.20
C TYR A 52 33.66 -5.75 -14.84
N PRO A 53 33.55 -4.52 -15.36
CA PRO A 53 32.24 -4.14 -15.92
C PRO A 53 31.98 -4.83 -17.25
N ASP A 54 30.72 -4.78 -17.69
CA ASP A 54 30.19 -5.46 -18.87
C ASP A 54 30.76 -6.85 -19.19
N LEU A 55 30.59 -7.77 -18.24
CA LEU A 55 30.97 -9.15 -18.44
C LEU A 55 30.32 -9.84 -19.65
N PRO A 56 29.00 -9.62 -19.91
CA PRO A 56 28.42 -10.38 -21.03
C PRO A 56 28.99 -9.98 -22.39
N ALA A 57 29.48 -8.74 -22.53
CA ALA A 57 30.13 -8.31 -23.76
C ALA A 57 31.58 -8.77 -23.82
N ALA A 58 32.23 -8.83 -22.65
CA ALA A 58 33.64 -9.20 -22.56
C ALA A 58 33.87 -10.70 -22.70
N SER A 59 32.82 -11.49 -22.53
CA SER A 59 32.97 -12.95 -22.47
C SER A 59 31.70 -13.69 -22.80
N PRO A 60 31.80 -14.65 -23.75
CA PRO A 60 30.69 -15.53 -24.13
C PRO A 60 30.26 -16.45 -22.99
N VAL A 61 31.16 -16.71 -22.05
CA VAL A 61 30.85 -17.56 -20.92
C VAL A 61 29.84 -16.87 -19.99
N PHE A 62 30.07 -15.59 -19.73
CA PHE A 62 29.20 -14.83 -18.86
C PHE A 62 27.95 -14.36 -19.61
N ALA A 63 28.08 -14.18 -20.91
CA ALA A 63 26.94 -13.92 -21.76
C ALA A 63 25.95 -15.06 -21.64
N ARG A 64 26.47 -16.29 -21.51
CA ARG A 64 25.63 -17.48 -21.33
C ARG A 64 25.06 -17.55 -19.90
N LEU A 65 25.91 -17.22 -18.94
CA LEU A 65 25.53 -17.23 -17.55
C LEU A 65 24.34 -16.28 -17.29
N ALA A 66 24.37 -15.14 -17.97
CA ALA A 66 23.40 -14.08 -17.74
C ALA A 66 22.02 -14.50 -18.22
N LEU A 67 21.97 -15.50 -19.10
CA LEU A 67 20.70 -16.02 -19.60
C LEU A 67 20.40 -17.40 -19.06
N ASP A 68 21.22 -17.87 -18.13
CA ASP A 68 21.05 -19.21 -17.55
C ASP A 68 19.74 -19.31 -16.79
N ASP A 69 18.95 -20.34 -17.08
CA ASP A 69 17.66 -20.54 -16.45
C ASP A 69 17.74 -20.67 -14.94
N ARG A 70 18.91 -21.06 -14.44
CA ARG A 70 19.12 -21.14 -13.00
C ARG A 70 19.18 -19.75 -12.38
N LEU A 71 19.48 -18.74 -13.21
CA LEU A 71 19.35 -17.35 -12.78
C LEU A 71 17.96 -16.80 -13.13
N LEU A 72 17.51 -17.01 -14.37
CA LEU A 72 16.27 -16.40 -14.83
C LEU A 72 15.00 -16.92 -14.18
N ALA A 73 14.92 -18.20 -13.84
CA ALA A 73 13.68 -18.70 -13.25
C ALA A 73 13.38 -18.02 -11.90
N PRO A 74 14.36 -17.96 -10.97
CA PRO A 74 14.05 -17.24 -9.73
C PRO A 74 13.88 -15.71 -9.90
N VAL A 75 14.51 -15.12 -10.89
CA VAL A 75 14.39 -13.69 -11.09
C VAL A 75 12.99 -13.36 -11.63
N ARG A 76 12.46 -14.22 -12.50
CA ARG A 76 11.11 -14.01 -13.03
C ARG A 76 10.08 -14.10 -11.93
N ASP A 77 10.37 -14.89 -10.91
CA ASP A 77 9.43 -15.08 -9.82
C ASP A 77 9.40 -13.87 -8.91
N VAL A 78 10.33 -12.94 -9.08
CA VAL A 78 10.32 -11.78 -8.20
C VAL A 78 10.13 -10.46 -8.97
N VAL A 79 10.32 -10.49 -10.27
CA VAL A 79 10.10 -9.28 -11.07
C VAL A 79 8.70 -9.32 -11.70
N ASN A 80 8.41 -10.43 -12.35
CA ASN A 80 7.12 -10.65 -12.98
C ASN A 80 6.73 -9.54 -13.95
N GLN A 81 7.70 -9.09 -14.73
CA GLN A 81 7.49 -8.23 -15.89
C GLN A 81 8.20 -8.81 -17.11
N PRO A 82 7.84 -8.37 -18.33
CA PRO A 82 8.75 -8.57 -19.46
C PRO A 82 10.16 -8.10 -19.07
N LEU A 83 11.14 -8.98 -19.23
CA LEU A 83 12.43 -8.86 -18.58
C LEU A 83 13.51 -8.29 -19.47
N ARG A 84 14.50 -7.66 -18.85
CA ARG A 84 15.66 -7.09 -19.57
C ARG A 84 16.92 -7.18 -18.72
N LEU A 85 18.05 -7.56 -19.31
CA LEU A 85 19.35 -7.54 -18.61
C LEU A 85 19.84 -6.09 -18.50
N LEU A 86 20.07 -5.63 -17.28
CA LEU A 86 20.36 -4.22 -17.05
C LEU A 86 21.84 -3.99 -16.70
N GLU A 87 22.52 -5.02 -16.23
CA GLU A 87 23.96 -4.95 -15.95
C GLU A 87 24.55 -6.33 -15.65
N GLY A 88 25.86 -6.44 -15.85
CA GLY A 88 26.54 -7.68 -15.58
C GLY A 88 27.99 -7.40 -15.34
N TYR A 89 28.44 -7.59 -14.10
CA TYR A 89 29.83 -7.34 -13.78
C TYR A 89 30.46 -8.41 -12.91
N GLY A 90 31.79 -8.35 -12.80
CA GLY A 90 32.55 -9.20 -11.91
C GLY A 90 33.15 -8.34 -10.81
N LEU A 91 33.48 -8.97 -9.69
CA LEU A 91 34.01 -8.23 -8.54
C LEU A 91 35.13 -9.04 -7.87
N ARG A 92 36.32 -8.46 -7.82
CA ARG A 92 37.45 -9.07 -7.13
C ARG A 92 37.76 -8.24 -5.90
N ARG A 93 37.69 -8.85 -4.73
CA ARG A 93 37.96 -8.13 -3.48
C ARG A 93 39.16 -8.72 -2.77
N THR A 94 39.95 -7.86 -2.15
CA THR A 94 41.13 -8.28 -1.39
C THR A 94 41.12 -7.65 -0.01
N LYS A 95 42.11 -8.00 0.81
CA LYS A 95 42.22 -7.52 2.18
C LYS A 95 42.00 -6.02 2.27
N ASP A 96 41.35 -5.57 3.35
CA ASP A 96 41.07 -4.16 3.64
C ASP A 96 40.02 -3.51 2.73
N SER A 97 39.36 -4.28 1.87
CA SER A 97 38.25 -3.76 1.09
C SER A 97 36.95 -3.81 1.90
N VAL A 98 36.13 -2.77 1.74
CA VAL A 98 34.87 -2.67 2.45
C VAL A 98 33.82 -2.08 1.51
N LEU A 99 32.54 -2.37 1.75
CA LEU A 99 31.46 -1.74 1.02
C LEU A 99 30.38 -1.23 1.97
N TYR A 100 30.27 0.09 2.07
CA TYR A 100 29.35 0.71 3.00
C TYR A 100 27.87 0.58 2.57
N LEU A 101 26.96 0.84 3.49
CA LEU A 101 25.54 0.62 3.25
C LEU A 101 24.98 1.50 2.15
N HIS A 102 24.18 0.91 1.28
CA HIS A 102 23.43 1.65 0.27
C HIS A 102 22.11 0.97 0.04
N GLY A 103 21.18 1.65 -0.62
CA GLY A 103 19.84 1.14 -0.74
C GLY A 103 19.04 1.60 0.46
N GLY A 104 17.94 0.92 0.74
CA GLY A 104 17.02 1.42 1.74
C GLY A 104 15.81 2.01 1.05
N ASN A 105 14.65 1.47 1.39
CA ASN A 105 13.40 1.83 0.76
C ASN A 105 13.00 3.33 0.88
N SER A 106 13.38 3.98 1.97
CA SER A 106 12.91 5.33 2.25
C SER A 106 14.01 6.39 2.41
N GLU A 107 15.21 6.10 1.92
CA GLU A 107 16.30 7.05 2.02
C GLU A 107 16.01 8.29 1.17
N LEU A 108 16.52 9.44 1.61
CA LEU A 108 16.18 10.73 1.02
C LEU A 108 17.06 11.11 -0.16
N LEU A 109 16.50 11.93 -1.05
CA LEU A 109 17.26 12.49 -2.15
C LEU A 109 16.86 13.95 -2.36
N ASP A 110 17.84 14.84 -2.28
CA ASP A 110 17.59 16.26 -2.51
C ASP A 110 17.55 16.51 -4.01
N LEU A 111 16.45 17.09 -4.47
CA LEU A 111 16.15 17.12 -5.89
C LEU A 111 15.99 18.57 -6.37
N GLY A 112 16.98 19.40 -6.09
CA GLY A 112 16.89 20.80 -6.46
C GLY A 112 15.95 21.58 -5.57
N ASP A 113 14.65 21.45 -5.77
CA ASP A 113 13.72 22.33 -5.06
C ASP A 113 12.86 21.59 -4.03
N ARG A 114 13.17 20.33 -3.81
CA ARG A 114 12.41 19.50 -2.88
C ARG A 114 13.23 18.27 -2.45
N GLN A 115 12.78 17.65 -1.38
CA GLN A 115 13.43 16.44 -0.92
C GLN A 115 12.46 15.24 -0.98
N VAL A 116 12.85 14.22 -1.73
CA VAL A 116 11.98 13.07 -1.96
C VAL A 116 12.48 11.83 -1.21
N GLY A 117 11.56 10.96 -0.85
CA GLY A 117 11.88 9.77 -0.06
C GLY A 117 11.41 8.49 -0.70
N ARG A 118 11.20 8.52 -2.02
CA ARG A 118 10.96 7.28 -2.76
C ARG A 118 11.86 7.26 -3.99
N ASP A 119 12.42 6.09 -4.26
CA ASP A 119 13.24 5.81 -5.45
C ASP A 119 12.48 4.77 -6.28
N LEU A 120 11.92 5.18 -7.41
CA LEU A 120 10.98 4.32 -8.12
C LEU A 120 11.68 3.15 -8.81
N SER A 121 13.01 3.21 -8.89
CA SER A 121 13.77 2.11 -9.49
C SER A 121 13.87 0.93 -8.55
N ILE A 122 13.41 1.08 -7.31
CA ILE A 122 13.44 -0.02 -6.35
C ILE A 122 12.11 -0.15 -5.62
N THR A 123 11.16 0.71 -5.96
CA THR A 123 9.87 0.69 -5.31
C THR A 123 9.08 -0.53 -5.78
N HIS A 124 8.90 -1.48 -4.88
CA HIS A 124 8.34 -2.78 -5.23
C HIS A 124 6.98 -3.02 -4.57
N THR A 125 6.20 -3.90 -5.15
CA THR A 125 4.86 -4.11 -4.67
C THR A 125 4.49 -5.58 -4.78
N TYR A 126 3.31 -5.91 -4.29
CA TYR A 126 2.78 -7.27 -4.33
C TYR A 126 1.34 -7.20 -4.80
N HIS A 127 0.92 -8.19 -5.58
CA HIS A 127 -0.43 -8.19 -6.13
C HIS A 127 -0.82 -9.58 -6.57
N ASP A 128 -1.98 -10.04 -6.11
CA ASP A 128 -2.59 -11.30 -6.56
C ASP A 128 -1.61 -12.46 -6.68
N GLY A 129 -0.84 -12.69 -5.61
CA GLY A 129 -0.03 -13.87 -5.52
C GLY A 129 1.36 -13.68 -6.07
N LYS A 130 1.62 -12.53 -6.69
CA LYS A 130 2.93 -12.26 -7.25
C LYS A 130 3.64 -11.02 -6.71
N LEU A 131 4.92 -11.17 -6.42
CA LEU A 131 5.82 -10.05 -6.13
C LEU A 131 6.20 -9.28 -7.40
N TYR A 132 6.29 -7.96 -7.29
CA TYR A 132 6.72 -7.13 -8.41
C TYR A 132 7.84 -6.20 -7.97
N CYS A 133 9.08 -6.67 -8.10
CA CYS A 133 10.27 -5.89 -7.78
C CYS A 133 10.92 -5.43 -9.07
N PRO A 134 11.05 -4.12 -9.26
CA PRO A 134 11.54 -3.63 -10.54
C PRO A 134 13.07 -3.82 -10.76
N TYR A 135 13.84 -3.98 -9.70
CA TYR A 135 15.29 -4.15 -9.88
C TYR A 135 15.86 -5.18 -8.92
N VAL A 136 16.23 -6.34 -9.45
CA VAL A 136 16.83 -7.40 -8.64
C VAL A 136 18.21 -7.80 -9.14
N LYS A 137 19.09 -8.13 -8.20
CA LYS A 137 20.45 -8.58 -8.51
C LYS A 137 20.59 -10.04 -8.19
N ALA A 138 21.23 -10.78 -9.09
CA ALA A 138 21.66 -12.14 -8.81
C ALA A 138 23.17 -12.17 -8.65
N LEU A 139 23.63 -12.33 -7.41
CA LEU A 139 25.05 -12.49 -7.10
C LEU A 139 25.45 -13.97 -7.17
N VAL A 140 26.39 -14.28 -8.05
CA VAL A 140 26.96 -15.63 -8.12
C VAL A 140 28.31 -15.65 -7.39
N TYR A 141 28.37 -16.32 -6.24
CA TYR A 141 29.58 -16.33 -5.43
C TYR A 141 30.59 -17.37 -5.94
N LEU A 142 31.84 -16.95 -6.07
CA LEU A 142 32.87 -17.84 -6.62
C LEU A 142 33.89 -18.19 -5.56
N SER A 143 33.55 -17.90 -4.31
CA SER A 143 34.41 -18.22 -3.17
C SER A 143 33.57 -18.19 -1.89
N ASP A 144 33.98 -18.97 -0.90
CA ASP A 144 33.27 -19.05 0.38
C ASP A 144 33.46 -17.81 1.27
N ILE A 145 32.42 -17.48 2.02
CA ILE A 145 32.49 -16.41 3.00
C ILE A 145 31.77 -16.88 4.26
N GLN A 146 32.52 -17.21 5.30
CA GLN A 146 31.93 -17.95 6.39
C GLN A 146 32.15 -17.28 7.73
N SER A 147 32.56 -16.03 7.69
CA SER A 147 32.72 -15.23 8.89
C SER A 147 32.63 -13.75 8.54
N PRO A 148 32.34 -12.90 9.52
CA PRO A 148 32.27 -11.48 9.18
C PRO A 148 33.60 -10.91 8.65
N GLU A 149 34.73 -11.36 9.21
CA GLU A 149 36.04 -10.81 8.85
C GLU A 149 36.49 -11.21 7.44
N ASP A 150 35.74 -12.10 6.81
CA ASP A 150 35.92 -12.46 5.42
C ASP A 150 35.25 -11.45 4.46
N GLY A 151 34.57 -10.47 5.03
CA GLY A 151 33.84 -9.51 4.22
C GLY A 151 32.45 -9.98 3.84
N SER A 152 31.71 -10.51 4.81
CA SER A 152 30.39 -11.08 4.56
C SER A 152 29.38 -10.02 4.17
N PHE A 153 28.43 -10.43 3.34
CA PHE A 153 27.27 -9.63 2.99
C PHE A 153 26.56 -9.22 4.28
N CYS A 154 26.24 -7.94 4.41
CA CYS A 154 25.44 -7.53 5.54
C CYS A 154 24.30 -6.64 5.07
N TYR A 155 23.26 -6.58 5.89
CA TYR A 155 22.03 -5.88 5.53
C TYR A 155 21.28 -5.47 6.79
N VAL A 156 20.44 -4.45 6.65
CA VAL A 156 19.55 -4.00 7.72
C VAL A 156 18.20 -4.68 7.57
N GLN A 157 17.82 -5.49 8.55
CA GLN A 157 16.56 -6.22 8.50
C GLN A 157 15.34 -5.35 8.24
N GLY A 158 14.48 -5.83 7.35
CA GLY A 158 13.22 -5.18 7.06
C GLY A 158 13.39 -3.86 6.34
N SER A 159 14.61 -3.53 5.93
CA SER A 159 14.92 -2.20 5.42
C SER A 159 14.41 -2.04 3.98
N HIS A 160 14.06 -3.16 3.35
CA HIS A 160 13.49 -3.12 2.00
C HIS A 160 12.04 -2.64 2.05
N LYS A 161 11.39 -2.76 3.20
CA LYS A 161 10.04 -2.21 3.35
C LYS A 161 9.99 -1.07 4.39
N ALA A 162 11.13 -0.41 4.61
CA ALA A 162 11.21 0.69 5.57
C ALA A 162 10.33 1.86 5.17
N ASN A 163 9.79 2.58 6.16
CA ASN A 163 9.02 3.79 5.90
C ASN A 163 9.72 5.07 6.35
N PHE A 164 10.70 4.93 7.23
CA PHE A 164 11.47 6.08 7.71
C PHE A 164 12.88 6.06 7.11
N PRO A 165 13.50 7.23 6.92
CA PRO A 165 14.89 7.16 6.44
C PRO A 165 15.83 6.88 7.62
N LEU A 166 16.96 6.23 7.37
CA LEU A 166 17.90 5.91 8.43
C LEU A 166 19.14 6.81 8.38
N LEU A 167 19.72 6.97 7.20
CA LEU A 167 21.06 7.53 7.07
C LEU A 167 21.15 9.05 7.24
N ARG A 168 20.13 9.79 6.83
CA ARG A 168 20.16 11.25 6.87
C ARG A 168 20.32 11.80 8.29
N GLU A 169 19.61 11.21 9.25
CA GLU A 169 19.78 11.57 10.66
C GLU A 169 21.24 11.45 11.07
N ARG A 170 21.89 10.38 10.64
CA ARG A 170 23.27 10.11 11.01
C ARG A 170 24.21 11.14 10.40
N ALA A 171 24.01 11.43 9.12
CA ALA A 171 24.86 12.38 8.40
C ALA A 171 24.75 13.79 9.00
N GLU A 172 23.55 14.20 9.35
CA GLU A 172 23.31 15.52 9.94
C GLU A 172 23.77 15.60 11.40
N ARG A 173 23.65 14.48 12.12
CA ARG A 173 24.19 14.36 13.48
C ARG A 173 25.72 14.32 13.41
N GLY A 174 26.26 14.18 12.20
CA GLY A 174 27.68 14.34 11.95
C GLY A 174 28.53 13.09 11.99
N GLU A 175 27.91 11.92 11.84
CA GLU A 175 28.62 10.64 11.88
C GLU A 175 29.64 10.52 10.76
N ASN A 176 30.63 9.66 10.95
CA ASN A 176 31.65 9.43 9.91
C ASN A 176 32.17 8.00 9.93
N THR A 177 31.54 7.16 10.74
CA THR A 177 31.83 5.73 10.74
C THR A 177 30.65 4.92 10.23
N SER A 178 30.93 4.05 9.26
CA SER A 178 29.93 3.19 8.67
C SER A 178 29.39 2.15 9.67
N LEU A 179 28.11 1.81 9.51
CA LEU A 179 27.46 0.83 10.38
C LEU A 179 28.02 -0.58 10.21
N VAL A 180 28.69 -0.84 9.10
CA VAL A 180 29.27 -2.16 8.87
C VAL A 180 30.45 -2.36 9.81
N ASP A 181 31.08 -1.26 10.19
CA ASP A 181 32.16 -1.27 11.18
C ASP A 181 31.61 -1.16 12.60
N SER A 182 30.86 -0.10 12.87
CA SER A 182 30.36 0.17 14.22
C SER A 182 29.31 -0.84 14.68
N GLY A 183 28.49 -1.33 13.76
CA GLY A 183 27.41 -2.24 14.10
C GLY A 183 26.08 -1.52 14.25
N PHE A 184 25.01 -2.30 14.37
CA PHE A 184 23.65 -1.78 14.44
C PHE A 184 22.76 -2.93 14.88
N PRO A 185 21.75 -2.67 15.74
CA PRO A 185 20.88 -3.68 16.35
C PRO A 185 20.27 -4.71 15.40
N THR A 186 20.01 -4.29 14.16
CA THR A 186 19.29 -5.14 13.22
C THR A 186 20.11 -5.43 11.99
N LEU A 187 21.38 -5.04 12.04
CA LEU A 187 22.34 -5.38 10.99
C LEU A 187 22.75 -6.82 11.17
N SER A 188 22.58 -7.61 10.13
CA SER A 188 22.95 -9.02 10.18
C SER A 188 23.91 -9.38 9.06
N ASP A 189 24.50 -10.56 9.15
CA ASP A 189 25.42 -11.05 8.14
C ASP A 189 24.86 -12.30 7.46
N VAL A 190 25.31 -12.54 6.23
CA VAL A 190 24.97 -13.75 5.50
C VAL A 190 26.23 -14.52 5.07
N PHE A 191 26.25 -15.82 5.27
CA PHE A 191 27.37 -16.67 4.88
C PHE A 191 27.03 -17.49 3.65
N VAL A 192 27.96 -17.56 2.71
CA VAL A 192 27.70 -18.27 1.47
C VAL A 192 28.84 -19.21 1.09
N ARG A 193 28.50 -20.15 0.22
CA ARG A 193 29.50 -21.02 -0.39
C ARG A 193 29.57 -20.83 -1.89
N SER A 194 30.76 -21.05 -2.45
CA SER A 194 30.97 -21.12 -3.89
C SER A 194 29.82 -21.71 -4.67
N GLY A 195 29.40 -21.02 -5.73
CA GLY A 195 28.34 -21.52 -6.55
C GLY A 195 26.96 -21.31 -5.94
N ASP A 196 26.89 -20.64 -4.79
CA ASP A 196 25.60 -20.17 -4.29
C ASP A 196 25.16 -18.96 -5.09
N VAL A 197 23.86 -18.78 -5.22
CA VAL A 197 23.27 -17.54 -5.76
C VAL A 197 22.57 -16.79 -4.64
N LEU A 198 22.85 -15.50 -4.55
CA LEU A 198 22.15 -14.61 -3.67
C LEU A 198 21.23 -13.73 -4.54
N LEU A 199 19.92 -13.99 -4.45
CA LEU A 199 18.89 -13.20 -5.14
C LEU A 199 18.55 -12.00 -4.26
N LEU A 200 18.79 -10.80 -4.76
CA LEU A 200 18.70 -9.61 -3.91
C LEU A 200 17.75 -8.54 -4.44
N ASN A 201 16.88 -8.03 -3.56
CA ASN A 201 15.98 -6.92 -3.89
C ASN A 201 16.67 -5.60 -3.58
N GLU A 202 16.96 -4.79 -4.59
CA GLU A 202 17.83 -3.64 -4.37
C GLU A 202 17.24 -2.54 -3.47
N ALA A 203 16.00 -2.72 -3.02
CA ALA A 203 15.43 -1.80 -2.04
C ALA A 203 16.04 -2.11 -0.67
N LEU A 204 16.54 -3.33 -0.52
CA LEU A 204 17.24 -3.72 0.69
C LEU A 204 18.47 -2.84 0.90
N MET A 205 18.65 -2.34 2.13
CA MET A 205 19.87 -1.61 2.45
C MET A 205 20.93 -2.59 2.90
N HIS A 206 22.02 -2.64 2.16
CA HIS A 206 23.03 -3.67 2.39
C HIS A 206 24.44 -3.15 2.13
N GLY A 207 25.41 -4.02 2.39
CA GLY A 207 26.80 -3.76 2.11
C GLY A 207 27.62 -4.99 2.47
N THR A 208 28.88 -4.80 2.81
CA THR A 208 29.72 -5.92 3.26
C THR A 208 30.57 -5.46 4.42
N ARG A 209 30.84 -6.36 5.36
CA ARG A 209 31.89 -6.10 6.36
C ARG A 209 33.25 -5.90 5.69
N ARG A 210 34.11 -5.20 6.39
CA ARG A 210 35.50 -5.01 5.96
C ARG A 210 36.21 -6.36 5.99
N LYS A 211 36.94 -6.67 4.91
CA LYS A 211 37.68 -7.93 4.81
C LYS A 211 39.07 -7.80 5.47
N LEU A 212 39.29 -8.61 6.50
CA LEU A 212 40.53 -8.58 7.25
C LEU A 212 41.40 -9.78 6.89
N THR A 213 40.81 -10.78 6.24
CA THR A 213 41.57 -11.96 5.88
C THR A 213 42.32 -11.77 4.57
N GLU A 214 43.17 -12.75 4.28
CA GLU A 214 43.97 -12.78 3.07
C GLU A 214 43.22 -13.51 1.98
N GLY A 215 43.63 -13.29 0.75
CA GLY A 215 43.03 -14.00 -0.37
C GLY A 215 42.12 -13.13 -1.21
N ASP A 216 41.45 -13.76 -2.17
CA ASP A 216 40.55 -13.02 -3.04
C ASP A 216 39.11 -13.47 -2.85
N ARG A 217 38.24 -12.49 -2.68
CA ARG A 217 36.80 -12.68 -2.64
C ARG A 217 36.28 -12.42 -4.05
N LEU A 218 35.85 -13.47 -4.74
CA LEU A 218 35.37 -13.31 -6.11
C LEU A 218 33.86 -13.50 -6.22
N LEU A 219 33.22 -12.68 -7.08
CA LEU A 219 31.81 -12.87 -7.42
C LEU A 219 31.41 -12.23 -8.77
N THR A 220 30.27 -12.65 -9.30
CA THR A 220 29.70 -11.96 -10.46
C THR A 220 28.24 -11.57 -10.18
N ALA A 221 27.87 -10.40 -10.66
CA ALA A 221 26.55 -9.89 -10.38
C ALA A 221 25.84 -9.57 -11.69
N PHE A 222 24.59 -10.04 -11.81
CA PHE A 222 23.73 -9.67 -12.93
C PHE A 222 22.43 -9.00 -12.43
N GLY A 223 22.23 -7.77 -12.87
CA GLY A 223 21.03 -7.02 -12.56
C GLY A 223 19.98 -7.17 -13.63
N TYR A 224 18.72 -7.23 -13.19
CA TYR A 224 17.55 -7.44 -14.04
C TYR A 224 16.41 -6.51 -13.70
N GLY A 225 15.61 -6.16 -14.71
CA GLY A 225 14.48 -5.28 -14.54
C GLY A 225 13.55 -5.31 -15.73
N PRO A 226 12.46 -4.54 -15.67
CA PRO A 226 11.50 -4.45 -16.77
C PRO A 226 12.16 -3.96 -18.04
N THR A 227 11.57 -4.23 -19.19
CA THR A 227 12.17 -3.85 -20.48
C THR A 227 12.19 -2.33 -20.72
N PHE A 228 11.53 -1.57 -19.86
CA PHE A 228 11.53 -0.11 -20.01
C PHE A 228 12.52 0.60 -19.06
N PHE A 229 13.27 -0.17 -18.28
CA PHE A 229 14.38 0.41 -17.54
C PHE A 229 15.56 0.57 -18.50
N THR A 230 16.36 1.62 -18.37
CA THR A 230 17.60 1.73 -19.15
C THR A 230 18.65 0.86 -18.52
N GLU A 231 19.64 0.46 -19.31
CA GLU A 231 20.79 -0.28 -18.76
C GLU A 231 21.46 0.59 -17.71
N TRP A 232 22.03 -0.05 -16.69
CA TRP A 232 22.47 0.68 -15.51
C TRP A 232 23.64 1.61 -15.82
N ARG A 233 23.57 2.79 -15.25
CA ARG A 233 24.55 3.83 -15.46
C ARG A 233 24.33 4.82 -14.32
N GLU A 234 25.41 5.32 -13.73
CA GLU A 234 25.23 6.30 -12.70
C GLU A 234 24.99 7.65 -13.35
N LEU A 235 24.21 8.46 -12.66
CA LEU A 235 23.91 9.80 -13.12
C LEU A 235 23.92 10.69 -11.89
N ASP A 236 24.71 11.76 -11.92
CA ASP A 236 24.83 12.62 -10.75
C ASP A 236 23.51 13.32 -10.46
N ALA A 237 22.82 13.74 -11.51
CA ALA A 237 21.56 14.43 -11.36
C ALA A 237 20.83 14.58 -12.68
N GLU A 238 19.58 15.01 -12.59
CA GLU A 238 18.81 15.38 -13.75
C GLU A 238 19.58 16.41 -14.58
N THR A 239 19.62 16.21 -15.90
CA THR A 239 20.28 17.17 -16.77
C THR A 239 19.32 18.30 -17.17
N ALA A 240 19.88 19.41 -17.62
CA ALA A 240 19.08 20.63 -17.82
C ALA A 240 18.11 20.50 -18.99
N ASP A 241 18.48 19.69 -19.98
CA ASP A 241 17.64 19.50 -21.17
C ASP A 241 16.71 18.31 -21.04
N LEU A 242 16.68 17.73 -19.84
CA LEU A 242 15.88 16.54 -19.52
C LEU A 242 16.18 15.33 -20.40
N ARG A 243 17.41 15.23 -20.91
CA ARG A 243 17.73 14.17 -21.86
C ARG A 243 18.65 13.10 -21.31
N GLY A 244 19.24 13.35 -20.14
CA GLY A 244 20.13 12.41 -19.50
C GLY A 244 19.46 11.21 -18.85
N ALA A 245 19.97 10.02 -19.19
CA ALA A 245 19.43 8.75 -18.71
C ALA A 245 20.33 8.15 -17.64
N GLY A 246 19.74 7.41 -16.70
CA GLY A 246 20.51 6.74 -15.67
C GLY A 246 19.92 6.82 -14.26
N TYR A 247 20.67 6.30 -13.30
CA TYR A 247 20.14 6.13 -11.95
C TYR A 247 20.79 7.07 -10.95
N VAL A 248 19.97 7.84 -10.26
CA VAL A 248 20.43 8.83 -9.31
C VAL A 248 20.32 8.28 -7.89
N ASP A 249 21.46 8.13 -7.22
CA ASP A 249 21.52 7.57 -5.88
C ASP A 249 20.86 8.46 -4.85
N HIS A 250 20.07 7.86 -3.95
CA HIS A 250 19.63 8.55 -2.75
C HIS A 250 20.79 8.51 -1.73
N ASP A 251 20.56 8.99 -0.52
CA ASP A 251 21.59 8.94 0.53
C ASP A 251 22.28 7.59 0.62
N VAL A 252 23.60 7.61 0.59
CA VAL A 252 24.37 6.40 0.89
C VAL A 252 25.43 6.73 1.91
N GLU A 253 25.94 5.72 2.60
CA GLU A 253 26.97 5.95 3.61
C GLU A 253 28.28 6.47 3.02
N GLU A 254 28.60 6.13 1.78
CA GLU A 254 29.76 6.71 1.12
C GLU A 254 29.66 8.23 1.00
N ASP A 255 28.45 8.78 1.09
CA ASP A 255 28.26 10.23 0.99
C ASP A 255 28.92 10.98 2.14
N PHE A 256 29.27 10.27 3.22
CA PHE A 256 29.83 10.96 4.38
C PHE A 256 30.69 10.07 5.27
N VAL A 257 31.19 8.97 4.71
CA VAL A 257 32.13 8.11 5.43
C VAL A 257 33.31 7.81 4.52
N ALA B 3 -24.45 -12.40 -4.53
CA ALA B 3 -23.02 -12.16 -4.75
C ALA B 3 -22.79 -11.17 -5.89
N LEU B 4 -21.77 -10.33 -5.71
CA LEU B 4 -21.45 -9.30 -6.68
C LEU B 4 -20.70 -9.89 -7.85
N THR B 5 -21.03 -9.42 -9.05
CA THR B 5 -20.29 -9.83 -10.23
C THR B 5 -18.96 -9.12 -10.26
N ARG B 6 -18.16 -9.41 -11.27
CA ARG B 6 -16.85 -8.82 -11.35
C ARG B 6 -16.97 -7.36 -11.78
N GLU B 7 -17.95 -7.05 -12.62
CA GLU B 7 -18.18 -5.66 -13.02
C GLU B 7 -18.63 -4.81 -11.84
N GLN B 8 -19.38 -5.41 -10.91
CA GLN B 8 -19.79 -4.70 -9.69
C GLN B 8 -18.66 -4.48 -8.68
N LEU B 9 -17.86 -5.53 -8.41
CA LEU B 9 -16.71 -5.38 -7.53
C LEU B 9 -15.80 -4.31 -8.10
N TYR B 10 -15.58 -4.34 -9.42
CA TYR B 10 -14.73 -3.36 -10.05
C TYR B 10 -15.26 -1.95 -9.79
N ILE B 11 -16.57 -1.77 -9.98
CA ILE B 11 -17.17 -0.46 -9.82
C ILE B 11 -17.11 -0.04 -8.36
N PHE B 12 -17.32 -0.97 -7.43
CA PHE B 12 -17.24 -0.63 -6.01
C PHE B 12 -15.83 -0.17 -5.62
N ASP B 13 -14.84 -0.97 -5.98
CA ASP B 13 -13.45 -0.67 -5.71
C ASP B 13 -13.08 0.71 -6.21
N THR B 14 -13.38 0.99 -7.46
CA THR B 14 -12.92 2.23 -8.07
C THR B 14 -13.71 3.48 -7.68
N THR B 15 -14.95 3.31 -7.23
CA THR B 15 -15.73 4.50 -6.89
C THR B 15 -16.07 4.61 -5.39
N GLY B 16 -15.95 3.52 -4.63
CA GLY B 16 -16.30 3.56 -3.23
C GLY B 16 -17.77 3.29 -2.89
N PHE B 17 -18.59 3.02 -3.91
CA PHE B 17 -19.99 2.69 -3.67
C PHE B 17 -20.60 1.94 -4.87
N LEU B 18 -21.71 1.26 -4.62
CA LEU B 18 -22.40 0.52 -5.66
C LEU B 18 -23.92 0.66 -5.55
N VAL B 19 -24.56 1.12 -6.62
CA VAL B 19 -26.02 1.13 -6.64
C VAL B 19 -26.50 -0.19 -7.23
N ILE B 20 -27.25 -0.95 -6.42
CA ILE B 20 -27.86 -2.19 -6.86
C ILE B 20 -29.35 -1.98 -7.05
N PRO B 21 -29.82 -1.95 -8.29
CA PRO B 21 -31.20 -1.55 -8.60
C PRO B 21 -32.21 -2.69 -8.45
N GLY B 22 -33.36 -2.38 -7.87
CA GLY B 22 -34.49 -3.30 -7.82
C GLY B 22 -34.37 -4.48 -6.86
N VAL B 23 -33.67 -4.28 -5.75
CA VAL B 23 -33.44 -5.38 -4.81
C VAL B 23 -34.72 -5.78 -4.09
N PHE B 24 -35.51 -4.81 -3.69
CA PHE B 24 -36.73 -5.09 -2.97
C PHE B 24 -37.98 -4.75 -3.80
N GLY B 25 -38.99 -5.61 -3.73
CA GLY B 25 -40.25 -5.41 -4.44
C GLY B 25 -41.09 -4.27 -3.90
N SER B 26 -42.08 -3.85 -4.67
CA SER B 26 -42.92 -2.71 -4.25
C SER B 26 -43.69 -3.06 -2.99
N GLY B 27 -44.08 -4.33 -2.88
CA GLY B 27 -44.74 -4.83 -1.68
C GLY B 27 -43.87 -4.69 -0.46
N GLU B 28 -42.63 -5.18 -0.54
CA GLU B 28 -41.69 -5.07 0.57
C GLU B 28 -41.35 -3.64 0.93
N VAL B 29 -41.22 -2.78 -0.06
CA VAL B 29 -40.85 -1.40 0.23
C VAL B 29 -41.95 -0.79 1.10
N GLU B 30 -43.19 -1.11 0.74
CA GLU B 30 -44.36 -0.56 1.42
C GLU B 30 -44.49 -1.12 2.83
N SER B 31 -44.13 -2.38 3.00
CA SER B 31 -44.01 -2.94 4.35
C SER B 31 -43.00 -2.13 5.16
N PHE B 32 -41.86 -1.82 4.56
CA PHE B 32 -40.83 -1.02 5.21
C PHE B 32 -41.32 0.40 5.49
N ARG B 33 -41.97 1.02 4.52
CA ARG B 33 -42.52 2.36 4.67
C ARG B 33 -43.53 2.42 5.83
N SER B 34 -44.43 1.44 5.91
CA SER B 34 -45.46 1.37 6.97
C SER B 34 -44.83 1.36 8.34
N GLU B 35 -43.82 0.51 8.52
CA GLU B 35 -43.21 0.35 9.83
C GLU B 35 -42.46 1.61 10.25
N LEU B 36 -42.06 2.44 9.29
CA LEU B 36 -41.40 3.70 9.63
C LEU B 36 -42.40 4.73 10.09
N GLU B 37 -43.52 4.83 9.37
CA GLU B 37 -44.61 5.72 9.72
C GLU B 37 -45.19 5.39 11.09
N ARG B 38 -45.24 4.10 11.43
CA ARG B 38 -45.71 3.71 12.76
C ARG B 38 -44.70 4.12 13.84
N LEU B 39 -43.43 4.20 13.49
CA LEU B 39 -42.40 4.45 14.49
C LEU B 39 -42.29 5.91 14.97
N ASP B 40 -43.09 6.79 14.40
CA ASP B 40 -43.18 8.16 14.89
C ASP B 40 -43.76 8.24 16.30
N ARG B 50 -35.09 13.86 10.83
CA ARG B 50 -35.08 13.04 12.04
C ARG B 50 -34.75 11.56 11.78
N ARG B 51 -34.20 10.92 12.81
CA ARG B 51 -33.58 9.59 12.70
C ARG B 51 -34.28 8.60 13.62
N TYR B 52 -34.30 7.33 13.23
CA TYR B 52 -34.96 6.28 14.00
C TYR B 52 -33.96 5.22 14.45
N PRO B 53 -33.27 5.45 15.58
CA PRO B 53 -32.21 4.54 16.01
C PRO B 53 -32.67 3.11 16.29
N ASP B 54 -31.76 2.17 16.07
CA ASP B 54 -31.97 0.75 16.35
C ASP B 54 -33.27 0.21 15.78
N LEU B 55 -33.43 0.29 14.46
CA LEU B 55 -34.55 -0.37 13.81
C LEU B 55 -34.71 -1.87 14.10
N PRO B 56 -33.59 -2.62 14.27
CA PRO B 56 -33.86 -4.05 14.46
C PRO B 56 -34.53 -4.41 15.80
N ALA B 57 -34.31 -3.65 16.86
CA ALA B 57 -34.96 -3.96 18.14
C ALA B 57 -36.43 -3.51 18.17
N ALA B 58 -36.82 -2.66 17.23
CA ALA B 58 -38.14 -2.05 17.27
C ALA B 58 -39.10 -2.75 16.33
N SER B 59 -38.57 -3.53 15.41
CA SER B 59 -39.41 -4.24 14.45
C SER B 59 -38.86 -5.61 14.09
N PRO B 60 -39.76 -6.58 13.90
CA PRO B 60 -39.33 -7.91 13.45
C PRO B 60 -38.97 -7.91 11.97
N VAL B 61 -39.64 -7.05 11.21
CA VAL B 61 -39.39 -6.90 9.78
C VAL B 61 -38.02 -6.24 9.50
N PHE B 62 -37.53 -5.40 10.42
CA PHE B 62 -36.25 -4.75 10.26
C PHE B 62 -35.13 -5.59 10.88
N ALA B 63 -35.48 -6.40 11.88
CA ALA B 63 -34.52 -7.37 12.42
C ALA B 63 -34.22 -8.45 11.37
N ARG B 64 -35.20 -8.75 10.52
CA ARG B 64 -34.98 -9.71 9.44
C ARG B 64 -34.28 -9.07 8.24
N LEU B 65 -34.57 -7.80 7.99
CA LEU B 65 -33.95 -7.07 6.90
C LEU B 65 -32.44 -6.97 7.15
N ALA B 66 -32.07 -6.78 8.41
CA ALA B 66 -30.68 -6.58 8.76
C ALA B 66 -29.86 -7.80 8.44
N LEU B 67 -30.52 -8.96 8.32
CA LEU B 67 -29.84 -10.21 8.02
C LEU B 67 -30.30 -10.86 6.70
N ASP B 68 -31.00 -10.10 5.88
CA ASP B 68 -31.41 -10.57 4.56
C ASP B 68 -30.20 -10.81 3.64
N ASP B 69 -30.22 -11.91 2.91
CA ASP B 69 -29.10 -12.25 2.05
C ASP B 69 -28.92 -11.25 0.93
N ARG B 70 -29.99 -10.51 0.62
CA ARG B 70 -29.89 -9.48 -0.41
C ARG B 70 -29.03 -8.32 0.05
N LEU B 71 -28.81 -8.20 1.36
CA LEU B 71 -27.89 -7.21 1.88
C LEU B 71 -26.58 -7.88 2.30
N LEU B 72 -26.66 -9.00 3.02
CA LEU B 72 -25.45 -9.66 3.53
C LEU B 72 -24.50 -10.17 2.45
N ALA B 73 -25.03 -10.63 1.32
CA ALA B 73 -24.16 -11.19 0.27
C ALA B 73 -23.25 -10.11 -0.36
N PRO B 74 -23.80 -8.94 -0.75
CA PRO B 74 -22.83 -7.95 -1.25
C PRO B 74 -21.93 -7.37 -0.14
N VAL B 75 -22.44 -7.27 1.08
CA VAL B 75 -21.65 -6.77 2.19
C VAL B 75 -20.43 -7.67 2.42
N ARG B 76 -20.65 -8.98 2.44
CA ARG B 76 -19.59 -9.95 2.67
C ARG B 76 -18.49 -9.86 1.61
N ASP B 77 -18.89 -9.51 0.39
CA ASP B 77 -17.95 -9.40 -0.74
C ASP B 77 -17.05 -8.16 -0.68
N VAL B 78 -17.29 -7.25 0.23
CA VAL B 78 -16.46 -6.06 0.30
C VAL B 78 -15.80 -5.97 1.67
N VAL B 79 -16.31 -6.73 2.64
CA VAL B 79 -15.69 -6.71 3.97
C VAL B 79 -14.73 -7.90 4.12
N ASN B 80 -15.16 -9.07 3.66
CA ASN B 80 -14.41 -10.31 3.77
C ASN B 80 -13.76 -10.53 5.13
N GLN B 81 -14.53 -10.27 6.19
CA GLN B 81 -14.17 -10.59 7.58
C GLN B 81 -15.36 -11.28 8.25
N PRO B 82 -15.12 -11.99 9.36
CA PRO B 82 -16.25 -12.35 10.22
C PRO B 82 -17.08 -11.11 10.59
N LEU B 83 -18.38 -11.11 10.30
CA LEU B 83 -19.20 -9.90 10.41
C LEU B 83 -19.93 -9.68 11.73
N ARG B 84 -20.18 -8.42 12.01
CA ARG B 84 -21.03 -8.01 13.10
C ARG B 84 -21.87 -6.84 12.64
N LEU B 85 -23.16 -6.85 12.97
CA LEU B 85 -24.05 -5.73 12.65
C LEU B 85 -23.78 -4.57 13.58
N LEU B 86 -23.32 -3.44 13.02
CA LEU B 86 -22.83 -2.33 13.84
C LEU B 86 -23.86 -1.21 14.10
N GLU B 87 -24.84 -1.08 13.21
CA GLU B 87 -25.91 -0.10 13.36
C GLU B 87 -27.03 -0.33 12.34
N GLY B 88 -28.21 0.16 12.67
CA GLY B 88 -29.35 0.00 11.79
C GLY B 88 -30.37 1.06 12.14
N TYR B 89 -30.48 2.08 11.31
CA TYR B 89 -31.39 3.18 11.57
C TYR B 89 -32.30 3.50 10.40
N GLY B 90 -33.33 4.29 10.68
CA GLY B 90 -34.24 4.76 9.65
C GLY B 90 -34.00 6.22 9.50
N LEU B 91 -34.47 6.80 8.41
CA LEU B 91 -34.19 8.20 8.14
C LEU B 91 -35.32 8.88 7.37
N ARG B 92 -35.87 9.94 7.95
CA ARG B 92 -36.89 10.73 7.28
C ARG B 92 -36.33 12.11 7.02
N ARG B 93 -36.34 12.54 5.76
CA ARG B 93 -35.91 13.90 5.45
C ARG B 93 -37.04 14.70 4.81
N THR B 94 -37.27 15.88 5.38
CA THR B 94 -38.29 16.78 4.88
C THR B 94 -37.65 17.87 4.05
N LYS B 95 -38.50 18.69 3.44
CA LYS B 95 -38.08 19.89 2.74
C LYS B 95 -37.10 20.68 3.61
N ASP B 96 -36.04 21.19 2.98
CA ASP B 96 -35.04 22.10 3.58
C ASP B 96 -33.94 21.42 4.41
N SER B 97 -33.97 20.09 4.50
CA SER B 97 -32.89 19.36 5.15
C SER B 97 -31.70 19.17 4.20
N VAL B 98 -30.53 19.00 4.81
CA VAL B 98 -29.29 18.88 4.08
C VAL B 98 -28.31 18.05 4.90
N LEU B 99 -27.36 17.40 4.23
CA LEU B 99 -26.31 16.65 4.91
C LEU B 99 -24.95 17.07 4.35
N TYR B 100 -24.25 17.89 5.10
CA TYR B 100 -22.92 18.37 4.73
C TYR B 100 -21.90 17.22 4.63
N LEU B 101 -20.83 17.42 3.85
CA LEU B 101 -19.84 16.37 3.61
C LEU B 101 -19.20 15.81 4.88
N HIS B 102 -19.02 14.48 4.88
CA HIS B 102 -18.17 13.81 5.86
C HIS B 102 -17.58 12.54 5.25
N GLY B 103 -16.66 11.91 5.96
CA GLY B 103 -15.90 10.83 5.38
C GLY B 103 -14.68 11.39 4.67
N GLY B 104 -14.19 10.67 3.67
CA GLY B 104 -12.93 11.00 3.04
C GLY B 104 -11.83 10.19 3.70
N ASN B 105 -10.83 9.82 2.93
CA ASN B 105 -9.86 8.87 3.42
C ASN B 105 -8.70 9.51 4.19
N SER B 106 -8.40 10.77 3.88
CA SER B 106 -7.23 11.44 4.47
C SER B 106 -7.52 12.67 5.34
N GLU B 107 -8.76 12.86 5.77
CA GLU B 107 -9.12 14.03 6.59
C GLU B 107 -8.44 14.00 7.96
N LEU B 108 -8.08 15.19 8.45
CA LEU B 108 -7.23 15.30 9.63
C LEU B 108 -8.05 15.20 10.91
N LEU B 109 -7.37 14.89 12.01
CA LEU B 109 -7.96 14.90 13.33
C LEU B 109 -6.92 15.33 14.34
N ASP B 110 -7.28 16.22 15.27
CA ASP B 110 -6.33 16.65 16.29
C ASP B 110 -6.45 15.79 17.53
N LEU B 111 -5.33 15.30 18.04
CA LEU B 111 -5.35 14.40 19.20
C LEU B 111 -4.92 15.07 20.51
N GLY B 112 -4.43 16.30 20.43
CA GLY B 112 -4.01 17.01 21.63
C GLY B 112 -2.50 17.15 21.75
N ASP B 113 -1.77 16.28 21.05
CA ASP B 113 -0.30 16.34 21.02
C ASP B 113 0.24 16.04 19.63
N ARG B 114 -0.68 15.79 18.69
CA ARG B 114 -0.36 15.49 17.30
C ARG B 114 -1.64 15.56 16.46
N GLN B 115 -1.49 15.74 15.15
CA GLN B 115 -2.64 15.54 14.29
C GLN B 115 -2.39 14.31 13.42
N VAL B 116 -3.42 13.49 13.25
CA VAL B 116 -3.29 12.24 12.51
C VAL B 116 -4.08 12.33 11.20
N GLY B 117 -3.73 11.46 10.25
CA GLY B 117 -4.29 11.54 8.91
C GLY B 117 -4.95 10.25 8.45
N ARG B 118 -5.11 9.32 9.37
CA ARG B 118 -5.75 8.03 9.11
C ARG B 118 -6.79 7.74 10.19
N ASP B 119 -7.95 7.27 9.76
CA ASP B 119 -8.98 6.78 10.64
C ASP B 119 -9.08 5.29 10.37
N LEU B 120 -8.52 4.47 11.25
CA LEU B 120 -8.48 3.04 10.98
C LEU B 120 -9.87 2.38 10.94
N SER B 121 -10.91 3.10 11.36
CA SER B 121 -12.26 2.56 11.30
C SER B 121 -12.76 2.48 9.86
N ILE B 122 -12.05 3.16 8.96
CA ILE B 122 -12.44 3.17 7.56
C ILE B 122 -11.31 2.84 6.59
N THR B 123 -10.13 2.57 7.14
CA THR B 123 -8.95 2.29 6.32
C THR B 123 -9.07 0.92 5.62
N HIS B 124 -9.12 0.92 4.30
CA HIS B 124 -9.43 -0.31 3.57
C HIS B 124 -8.30 -0.76 2.64
N THR B 125 -8.26 -2.06 2.38
CA THR B 125 -7.17 -2.60 1.60
C THR B 125 -7.71 -3.61 0.60
N TYR B 126 -6.81 -4.19 -0.17
CA TYR B 126 -7.14 -5.21 -1.15
C TYR B 126 -6.04 -6.25 -1.08
N HIS B 127 -6.37 -7.53 -1.19
CA HIS B 127 -5.37 -8.58 -1.11
C HIS B 127 -5.88 -9.87 -1.72
N ASP B 128 -5.20 -10.32 -2.79
CA ASP B 128 -5.48 -11.61 -3.41
C ASP B 128 -6.93 -11.78 -3.85
N GLY B 129 -7.40 -10.89 -4.72
CA GLY B 129 -8.74 -10.99 -5.29
C GLY B 129 -9.89 -10.54 -4.41
N LYS B 130 -9.59 -10.05 -3.20
CA LYS B 130 -10.64 -9.64 -2.26
C LYS B 130 -10.49 -8.20 -1.74
N LEU B 131 -11.59 -7.46 -1.71
CA LEU B 131 -11.61 -6.19 -1.01
C LEU B 131 -11.76 -6.42 0.47
N TYR B 132 -11.08 -5.58 1.27
CA TYR B 132 -11.19 -5.63 2.71
C TYR B 132 -11.54 -4.26 3.28
N CYS B 133 -12.84 -3.95 3.31
CA CYS B 133 -13.34 -2.69 3.90
C CYS B 133 -13.92 -2.95 5.28
N PRO B 134 -13.38 -2.26 6.30
CA PRO B 134 -13.81 -2.37 7.69
C PRO B 134 -15.24 -1.86 7.99
N TYR B 135 -15.69 -0.79 7.35
CA TYR B 135 -17.01 -0.25 7.68
C TYR B 135 -17.83 0.06 6.42
N VAL B 136 -18.83 -0.75 6.13
CA VAL B 136 -19.69 -0.42 4.98
C VAL B 136 -21.17 -0.27 5.36
N LYS B 137 -21.88 0.58 4.61
CA LYS B 137 -23.33 0.70 4.80
C LYS B 137 -24.09 0.16 3.61
N ALA B 138 -25.26 -0.41 3.89
CA ALA B 138 -26.26 -0.71 2.88
C ALA B 138 -27.42 0.26 3.08
N LEU B 139 -27.51 1.27 2.21
CA LEU B 139 -28.66 2.17 2.20
C LEU B 139 -29.81 1.53 1.42
N VAL B 140 -30.93 1.27 2.10
CA VAL B 140 -32.14 0.77 1.43
C VAL B 140 -33.12 1.91 1.21
N TYR B 141 -33.26 2.38 -0.02
CA TYR B 141 -34.13 3.52 -0.27
C TYR B 141 -35.59 3.09 -0.34
N LEU B 142 -36.44 3.90 0.28
CA LEU B 142 -37.88 3.64 0.31
C LEU B 142 -38.62 4.72 -0.45
N SER B 143 -37.89 5.50 -1.24
CA SER B 143 -38.53 6.50 -2.09
C SER B 143 -37.59 6.91 -3.23
N ASP B 144 -38.16 7.21 -4.39
CA ASP B 144 -37.39 7.71 -5.52
C ASP B 144 -36.69 9.01 -5.21
N ILE B 145 -35.50 9.19 -5.76
CA ILE B 145 -34.79 10.47 -5.71
C ILE B 145 -34.17 10.67 -7.07
N GLN B 146 -34.78 11.51 -7.89
CA GLN B 146 -34.41 11.54 -9.30
C GLN B 146 -33.88 12.89 -9.76
N SER B 147 -33.72 13.82 -8.83
CA SER B 147 -33.17 15.11 -9.15
C SER B 147 -32.39 15.66 -7.95
N PRO B 148 -31.48 16.62 -8.20
CA PRO B 148 -30.74 17.20 -7.07
C PRO B 148 -31.65 17.76 -5.98
N GLU B 149 -32.71 18.47 -6.35
CA GLU B 149 -33.56 19.14 -5.36
C GLU B 149 -34.39 18.19 -4.48
N ASP B 150 -34.45 16.91 -4.88
CA ASP B 150 -34.99 15.85 -4.03
C ASP B 150 -34.08 15.51 -2.84
N GLY B 151 -32.90 16.13 -2.77
CA GLY B 151 -31.96 15.85 -1.70
C GLY B 151 -31.11 14.63 -2.00
N SER B 152 -30.62 14.54 -3.23
CA SER B 152 -29.86 13.39 -3.72
C SER B 152 -28.54 13.17 -3.01
N PHE B 153 -28.17 11.91 -2.89
CA PHE B 153 -26.82 11.51 -2.47
C PHE B 153 -25.77 12.20 -3.32
N CYS B 154 -24.78 12.83 -2.70
CA CYS B 154 -23.63 13.33 -3.45
C CYS B 154 -22.32 12.91 -2.80
N TYR B 155 -21.27 12.82 -3.62
CA TYR B 155 -19.99 12.30 -3.17
C TYR B 155 -18.82 12.98 -3.91
N VAL B 156 -17.65 13.03 -3.27
CA VAL B 156 -16.44 13.46 -3.96
C VAL B 156 -15.77 12.26 -4.64
N GLN B 157 -15.63 12.33 -5.96
CA GLN B 157 -15.00 11.24 -6.73
C GLN B 157 -13.61 10.88 -6.21
N GLY B 158 -13.41 9.59 -5.99
CA GLY B 158 -12.11 9.06 -5.66
C GLY B 158 -11.69 9.36 -4.24
N SER B 159 -12.53 10.04 -3.48
CA SER B 159 -12.15 10.52 -2.16
C SER B 159 -11.95 9.39 -1.16
N HIS B 160 -12.39 8.19 -1.52
CA HIS B 160 -12.24 7.07 -0.62
C HIS B 160 -10.82 6.49 -0.61
N LYS B 161 -10.04 6.81 -1.64
CA LYS B 161 -8.64 6.43 -1.71
C LYS B 161 -7.73 7.65 -1.72
N ALA B 162 -8.28 8.78 -1.29
CA ALA B 162 -7.54 10.04 -1.30
C ALA B 162 -6.36 10.03 -0.34
N ASN B 163 -5.25 10.68 -0.75
CA ASN B 163 -4.03 10.80 0.07
C ASN B 163 -3.79 12.19 0.72
N PHE B 164 -4.43 13.22 0.18
CA PHE B 164 -4.36 14.58 0.72
C PHE B 164 -5.66 14.95 1.43
N PRO B 165 -5.57 15.68 2.54
CA PRO B 165 -6.82 16.15 3.15
C PRO B 165 -7.44 17.29 2.32
N LEU B 166 -8.75 17.50 2.45
CA LEU B 166 -9.43 18.51 1.65
C LEU B 166 -10.05 19.61 2.50
N LEU B 167 -10.70 19.24 3.61
CA LEU B 167 -11.52 20.18 4.37
C LEU B 167 -10.70 21.11 5.28
N ARG B 168 -9.61 20.61 5.84
CA ARG B 168 -8.81 21.38 6.78
C ARG B 168 -8.31 22.70 6.20
N GLU B 169 -7.99 22.73 4.91
CA GLU B 169 -7.56 23.97 4.30
C GLU B 169 -8.74 24.83 3.94
N ARG B 170 -9.88 24.21 3.66
CA ARG B 170 -11.10 24.96 3.40
C ARG B 170 -11.50 25.72 4.66
N ALA B 171 -11.58 25.00 5.78
CA ALA B 171 -11.95 25.58 7.07
C ALA B 171 -10.97 26.66 7.53
N GLU B 172 -9.68 26.41 7.32
CA GLU B 172 -8.65 27.33 7.78
C GLU B 172 -8.67 28.63 7.00
N ARG B 173 -9.00 28.57 5.72
CA ARG B 173 -9.05 29.78 4.91
C ARG B 173 -10.39 30.49 5.08
N GLY B 174 -11.20 30.00 6.00
CA GLY B 174 -12.41 30.67 6.41
C GLY B 174 -13.61 30.50 5.51
N GLU B 175 -13.75 29.31 4.92
CA GLU B 175 -14.97 29.00 4.19
C GLU B 175 -16.12 28.83 5.16
N ASN B 176 -17.33 29.02 4.67
CA ASN B 176 -18.51 28.90 5.49
C ASN B 176 -19.62 28.24 4.71
N THR B 177 -19.30 27.90 3.46
CA THR B 177 -20.27 27.29 2.59
C THR B 177 -19.91 25.84 2.32
N SER B 178 -20.87 24.94 2.56
CA SER B 178 -20.70 23.54 2.19
C SER B 178 -20.61 23.35 0.68
N LEU B 179 -19.70 22.47 0.24
CA LEU B 179 -19.56 22.12 -1.16
C LEU B 179 -20.88 21.60 -1.73
N VAL B 180 -21.68 20.96 -0.88
CA VAL B 180 -22.97 20.43 -1.29
C VAL B 180 -23.91 21.52 -1.84
N ASP B 181 -23.79 22.74 -1.31
CA ASP B 181 -24.51 23.89 -1.82
C ASP B 181 -23.76 24.59 -2.96
N SER B 182 -22.47 24.83 -2.77
CA SER B 182 -21.69 25.63 -3.71
C SER B 182 -21.19 24.84 -4.92
N GLY B 183 -20.91 23.55 -4.73
CA GLY B 183 -20.39 22.71 -5.80
C GLY B 183 -18.90 22.46 -5.66
N PHE B 184 -18.37 21.58 -6.51
CA PHE B 184 -16.95 21.24 -6.52
C PHE B 184 -16.71 20.52 -7.83
N PRO B 185 -15.51 20.69 -8.43
CA PRO B 185 -15.25 20.07 -9.74
C PRO B 185 -15.53 18.56 -9.79
N THR B 186 -15.41 17.88 -8.66
CA THR B 186 -15.61 16.43 -8.63
C THR B 186 -16.71 15.98 -7.70
N LEU B 187 -17.61 16.89 -7.33
CA LEU B 187 -18.81 16.50 -6.61
C LEU B 187 -19.80 15.95 -7.64
N SER B 188 -20.48 14.87 -7.28
CA SER B 188 -21.36 14.17 -8.22
C SER B 188 -22.58 13.64 -7.48
N ASP B 189 -23.68 13.48 -8.20
CA ASP B 189 -24.90 13.02 -7.56
C ASP B 189 -25.21 11.60 -7.94
N VAL B 190 -25.93 10.91 -7.06
CA VAL B 190 -26.47 9.60 -7.37
C VAL B 190 -28.00 9.63 -7.25
N PHE B 191 -28.67 9.10 -8.28
CA PHE B 191 -30.13 9.04 -8.33
C PHE B 191 -30.61 7.59 -8.20
N VAL B 192 -31.61 7.38 -7.36
CA VAL B 192 -32.06 6.03 -7.03
C VAL B 192 -33.59 5.92 -7.10
N ARG B 193 -34.07 4.69 -7.24
CA ARG B 193 -35.50 4.39 -7.20
C ARG B 193 -35.84 3.58 -5.95
N SER B 194 -37.11 3.61 -5.54
CA SER B 194 -37.58 2.80 -4.42
C SER B 194 -37.10 1.36 -4.46
N GLY B 195 -36.51 0.91 -3.37
CA GLY B 195 -36.09 -0.48 -3.25
C GLY B 195 -34.75 -0.78 -3.91
N ASP B 196 -34.08 0.25 -4.41
CA ASP B 196 -32.66 0.13 -4.77
C ASP B 196 -31.85 0.05 -3.49
N VAL B 197 -30.70 -0.60 -3.54
CA VAL B 197 -29.74 -0.54 -2.44
C VAL B 197 -28.48 0.17 -2.90
N LEU B 198 -27.99 1.10 -2.07
CA LEU B 198 -26.71 1.77 -2.27
C LEU B 198 -25.70 1.18 -1.30
N LEU B 199 -24.77 0.39 -1.83
CA LEU B 199 -23.72 -0.20 -1.00
C LEU B 199 -22.58 0.82 -0.87
N LEU B 200 -22.20 1.17 0.35
CA LEU B 200 -21.32 2.32 0.57
C LEU B 200 -20.05 2.00 1.36
N ASN B 201 -18.91 2.42 0.83
CA ASN B 201 -17.67 2.42 1.59
C ASN B 201 -17.55 3.71 2.40
N GLU B 202 -17.64 3.60 3.72
CA GLU B 202 -17.59 4.76 4.61
C GLU B 202 -16.34 5.64 4.50
N ALA B 203 -15.33 5.16 3.78
CA ALA B 203 -14.14 5.98 3.50
C ALA B 203 -14.48 7.10 2.51
N LEU B 204 -15.53 6.91 1.73
CA LEU B 204 -15.97 7.88 0.75
C LEU B 204 -16.44 9.18 1.43
N MET B 205 -16.02 10.31 0.88
CA MET B 205 -16.51 11.61 1.33
C MET B 205 -17.82 11.92 0.63
N HIS B 206 -18.87 12.13 1.41
CA HIS B 206 -20.22 12.17 0.87
C HIS B 206 -21.16 12.94 1.77
N GLY B 207 -22.31 13.31 1.20
CA GLY B 207 -23.39 14.00 1.89
C GLY B 207 -24.67 13.90 1.08
N THR B 208 -25.59 14.85 1.24
CA THR B 208 -26.78 14.92 0.39
C THR B 208 -27.04 16.34 -0.02
N ARG B 209 -27.54 16.53 -1.23
CA ARG B 209 -28.05 17.85 -1.64
C ARG B 209 -29.15 18.37 -0.69
N ARG B 210 -29.19 19.69 -0.51
CA ARG B 210 -30.31 20.34 0.16
C ARG B 210 -31.67 20.03 -0.52
N LYS B 211 -32.58 19.42 0.24
CA LYS B 211 -33.90 19.06 -0.28
C LYS B 211 -34.81 20.27 -0.44
N LEU B 212 -35.28 20.52 -1.65
CA LEU B 212 -36.19 21.64 -1.91
C LEU B 212 -37.63 21.17 -2.14
N THR B 213 -37.76 19.97 -2.69
CA THR B 213 -39.04 19.40 -3.09
C THR B 213 -39.98 19.16 -1.93
N GLU B 214 -41.27 19.01 -2.24
CA GLU B 214 -42.28 18.66 -1.24
C GLU B 214 -42.45 17.13 -1.19
N GLY B 215 -42.88 16.64 -0.04
CA GLY B 215 -42.98 15.20 0.19
C GLY B 215 -41.88 14.72 1.13
N ASP B 216 -41.96 13.46 1.53
CA ASP B 216 -40.95 12.91 2.42
C ASP B 216 -40.03 11.94 1.69
N ARG B 217 -38.76 11.99 2.06
CA ARG B 217 -37.74 11.06 1.59
C ARG B 217 -37.44 10.10 2.73
N LEU B 218 -37.51 8.81 2.45
CA LEU B 218 -37.30 7.80 3.49
C LEU B 218 -36.28 6.75 3.05
N LEU B 219 -35.53 6.22 4.01
CA LEU B 219 -34.63 5.11 3.75
C LEU B 219 -34.25 4.42 5.04
N THR B 220 -33.77 3.18 4.94
CA THR B 220 -33.16 2.51 6.07
C THR B 220 -31.69 2.16 5.76
N ALA B 221 -30.85 2.18 6.78
CA ALA B 221 -29.42 2.01 6.61
C ALA B 221 -28.89 1.02 7.62
N PHE B 222 -28.13 0.04 7.15
CA PHE B 222 -27.49 -0.91 8.06
C PHE B 222 -25.98 -0.86 7.84
N GLY B 223 -25.24 -0.74 8.94
CA GLY B 223 -23.80 -0.66 8.91
C GLY B 223 -23.21 -1.96 9.37
N TYR B 224 -22.16 -2.40 8.69
CA TYR B 224 -21.51 -3.68 8.98
C TYR B 224 -20.01 -3.51 9.11
N GLY B 225 -19.41 -4.39 9.90
CA GLY B 225 -17.99 -4.36 10.14
C GLY B 225 -17.49 -5.68 10.69
N PRO B 226 -16.16 -5.77 10.92
CA PRO B 226 -15.61 -6.96 11.56
C PRO B 226 -16.20 -7.17 12.96
N THR B 227 -16.14 -8.40 13.46
CA THR B 227 -16.74 -8.74 14.73
C THR B 227 -16.04 -8.08 15.92
N PHE B 228 -14.90 -7.45 15.69
CA PHE B 228 -14.19 -6.81 16.79
C PHE B 228 -14.43 -5.29 16.83
N PHE B 229 -15.17 -4.75 15.88
CA PHE B 229 -15.57 -3.33 15.94
C PHE B 229 -16.69 -3.15 16.97
N THR B 230 -16.61 -2.11 17.79
CA THR B 230 -17.69 -1.80 18.72
C THR B 230 -18.93 -1.28 17.97
N GLU B 231 -20.12 -1.40 18.56
CA GLU B 231 -21.32 -0.91 17.87
C GLU B 231 -21.21 0.58 17.62
N TRP B 232 -21.86 1.08 16.58
CA TRP B 232 -21.63 2.47 16.25
C TRP B 232 -22.20 3.42 17.31
N ARG B 233 -21.34 4.30 17.81
CA ARG B 233 -21.77 5.45 18.59
C ARG B 233 -20.66 6.49 18.56
N GLU B 234 -21.06 7.77 18.49
CA GLU B 234 -20.10 8.85 18.43
C GLU B 234 -19.40 9.06 19.77
N LEU B 235 -18.09 9.29 19.68
CA LEU B 235 -17.26 9.64 20.82
C LEU B 235 -16.55 10.93 20.50
N ASP B 236 -16.55 11.88 21.43
CA ASP B 236 -15.91 13.16 21.19
C ASP B 236 -14.40 13.06 21.20
N ALA B 237 -13.87 12.28 22.13
CA ALA B 237 -12.43 12.11 22.23
C ALA B 237 -12.07 10.92 23.10
N GLU B 238 -10.82 10.48 23.01
CA GLU B 238 -10.29 9.47 23.92
C GLU B 238 -10.53 9.93 25.37
N THR B 239 -11.08 9.04 26.20
CA THR B 239 -11.30 9.36 27.60
C THR B 239 -9.99 9.18 28.36
N ALA B 240 -9.95 9.69 29.59
CA ALA B 240 -8.72 9.76 30.37
C ALA B 240 -8.31 8.43 31.02
N ASP B 241 -9.28 7.55 31.23
CA ASP B 241 -8.99 6.22 31.79
C ASP B 241 -8.87 5.19 30.68
N LEU B 242 -8.83 5.67 29.44
CA LEU B 242 -8.66 4.84 28.27
C LEU B 242 -9.76 3.78 28.18
N ARG B 243 -10.95 4.07 28.71
CA ARG B 243 -12.04 3.11 28.67
C ARG B 243 -13.16 3.55 27.73
N GLY B 244 -13.01 4.75 27.15
CA GLY B 244 -14.01 5.30 26.26
C GLY B 244 -14.12 4.62 24.92
N ALA B 245 -15.29 4.06 24.62
CA ALA B 245 -15.50 3.36 23.36
C ALA B 245 -16.33 4.18 22.39
N GLY B 246 -16.10 3.96 21.09
CA GLY B 246 -16.85 4.64 20.06
C GLY B 246 -16.00 5.17 18.92
N TYR B 247 -16.63 5.89 18.00
CA TYR B 247 -15.94 6.41 16.81
C TYR B 247 -15.77 7.92 16.90
N VAL B 248 -14.52 8.35 16.97
CA VAL B 248 -14.15 9.74 16.97
C VAL B 248 -14.07 10.25 15.54
N ASP B 249 -14.81 11.31 15.23
CA ASP B 249 -14.82 11.90 13.89
C ASP B 249 -13.61 12.77 13.56
N HIS B 250 -13.18 12.70 12.31
CA HIS B 250 -12.18 13.60 11.78
C HIS B 250 -12.89 14.83 11.23
N ASP B 251 -12.14 15.72 10.60
CA ASP B 251 -12.69 16.92 9.96
C ASP B 251 -13.95 16.66 9.13
N VAL B 252 -15.02 17.36 9.47
CA VAL B 252 -16.25 17.29 8.69
C VAL B 252 -16.75 18.70 8.40
N GLU B 253 -17.57 18.85 7.38
CA GLU B 253 -18.06 20.18 7.02
C GLU B 253 -18.87 20.85 8.14
N GLU B 254 -19.53 20.06 8.99
CA GLU B 254 -20.32 20.62 10.11
C GLU B 254 -19.49 21.32 11.19
N ASP B 255 -18.17 21.33 11.03
CA ASP B 255 -17.30 21.91 12.04
C ASP B 255 -16.99 23.36 11.72
N PHE B 256 -17.38 23.80 10.53
CA PHE B 256 -17.12 25.17 10.10
C PHE B 256 -18.21 25.64 9.13
N VAL B 257 -19.28 24.87 9.04
CA VAL B 257 -20.45 25.24 8.27
C VAL B 257 -21.71 24.92 9.06
N PRO C 2 9.28 11.11 27.07
CA PRO C 2 9.42 9.65 27.01
C PRO C 2 9.15 9.05 25.63
N ALA C 3 9.09 9.91 24.59
CA ALA C 3 8.69 9.48 23.26
C ALA C 3 9.79 8.70 22.53
N LEU C 4 9.44 8.10 21.39
CA LEU C 4 10.37 7.25 20.66
C LEU C 4 11.22 8.07 19.71
N THR C 5 12.52 7.77 19.68
CA THR C 5 13.45 8.43 18.77
C THR C 5 13.16 8.03 17.33
N ARG C 6 13.82 8.66 16.37
CA ARG C 6 13.72 8.24 14.99
C ARG C 6 14.21 6.80 14.82
N GLU C 7 15.28 6.44 15.52
CA GLU C 7 15.85 5.12 15.39
C GLU C 7 14.95 4.04 16.01
N GLN C 8 14.29 4.38 17.11
CA GLN C 8 13.36 3.45 17.72
C GLN C 8 12.16 3.21 16.79
N LEU C 9 11.70 4.27 16.13
CA LEU C 9 10.58 4.14 15.21
C LEU C 9 10.98 3.33 13.99
N TYR C 10 12.22 3.55 13.50
CA TYR C 10 12.73 2.78 12.37
C TYR C 10 12.73 1.30 12.69
N ILE C 11 13.21 0.98 13.89
CA ILE C 11 13.28 -0.41 14.31
C ILE C 11 11.89 -1.03 14.53
N PHE C 12 10.97 -0.32 15.18
CA PHE C 12 9.62 -0.85 15.36
C PHE C 12 8.98 -1.11 13.99
N ASP C 13 9.15 -0.14 13.09
CA ASP C 13 8.60 -0.23 11.74
C ASP C 13 9.12 -1.45 11.00
N THR C 14 10.45 -1.60 10.98
CA THR C 14 11.10 -2.63 10.18
C THR C 14 11.15 -4.02 10.81
N THR C 15 10.91 -4.14 12.10
CA THR C 15 10.99 -5.46 12.74
C THR C 15 9.68 -5.91 13.37
N GLY C 16 8.75 -4.99 13.57
CA GLY C 16 7.47 -5.34 14.19
C GLY C 16 7.48 -5.26 15.71
N PHE C 17 8.65 -5.02 16.30
CA PHE C 17 8.72 -4.85 17.75
C PHE C 17 9.88 -3.94 18.18
N LEU C 18 9.97 -3.71 19.49
CA LEU C 18 11.00 -2.88 20.10
C LEU C 18 11.19 -3.21 21.56
N VAL C 19 12.42 -3.54 21.96
CA VAL C 19 12.76 -3.66 23.37
C VAL C 19 13.15 -2.27 23.87
N ILE C 20 12.35 -1.72 24.78
CA ILE C 20 12.71 -0.48 25.45
C ILE C 20 13.35 -0.85 26.78
N PRO C 21 14.67 -0.73 26.89
CA PRO C 21 15.31 -1.28 28.09
C PRO C 21 15.17 -0.40 29.34
N GLY C 22 15.28 -1.03 30.50
CA GLY C 22 15.36 -0.33 31.78
C GLY C 22 14.28 0.71 32.07
N VAL C 23 13.05 0.41 31.65
CA VAL C 23 11.96 1.38 31.79
C VAL C 23 11.50 1.49 33.24
N PHE C 24 11.45 0.34 33.92
CA PHE C 24 11.04 0.31 35.32
C PHE C 24 12.21 -0.13 36.18
N GLY C 25 12.44 0.62 37.25
CA GLY C 25 13.54 0.35 38.17
C GLY C 25 13.27 -0.87 39.05
N SER C 26 14.30 -1.29 39.79
CA SER C 26 14.22 -2.48 40.64
C SER C 26 13.07 -2.44 41.62
N GLY C 27 12.86 -1.27 42.23
CA GLY C 27 11.86 -1.11 43.26
C GLY C 27 10.46 -1.32 42.73
N GLU C 28 10.19 -0.73 41.56
CA GLU C 28 8.91 -0.91 40.89
C GLU C 28 8.67 -2.36 40.52
N VAL C 29 9.69 -3.00 39.95
CA VAL C 29 9.59 -4.39 39.56
C VAL C 29 9.22 -5.23 40.77
N GLU C 30 9.83 -4.93 41.92
CA GLU C 30 9.53 -5.69 43.13
C GLU C 30 8.11 -5.45 43.65
N SER C 31 7.63 -4.22 43.59
CA SER C 31 6.26 -3.94 44.00
C SER C 31 5.25 -4.64 43.09
N PHE C 32 5.57 -4.72 41.79
CA PHE C 32 4.76 -5.47 40.82
C PHE C 32 4.67 -6.95 41.13
N ARG C 33 5.82 -7.58 41.41
CA ARG C 33 5.86 -9.01 41.73
C ARG C 33 5.13 -9.26 43.04
N SER C 34 5.35 -8.36 43.99
CA SER C 34 4.70 -8.43 45.29
C SER C 34 3.19 -8.40 45.15
N GLU C 35 2.70 -7.55 44.25
CA GLU C 35 1.26 -7.41 44.02
C GLU C 35 0.71 -8.68 43.37
N LEU C 36 1.48 -9.27 42.45
CA LEU C 36 1.13 -10.57 41.87
C LEU C 36 1.09 -11.64 42.95
N GLU C 37 2.09 -11.64 43.82
CA GLU C 37 2.11 -12.56 44.94
C GLU C 37 0.87 -12.36 45.84
N ARG C 38 0.40 -11.12 45.94
CA ARG C 38 -0.78 -10.80 46.74
C ARG C 38 -2.05 -11.37 46.12
N LEU C 39 -2.15 -11.27 44.80
CA LEU C 39 -3.33 -11.75 44.09
C LEU C 39 -3.43 -13.27 44.21
N ASP C 40 -2.31 -13.93 44.48
CA ASP C 40 -2.31 -15.38 44.71
C ASP C 40 -2.87 -15.71 46.09
N ARG C 48 1.04 -23.00 39.87
CA ARG C 48 2.34 -23.33 39.27
C ARG C 48 2.57 -22.46 38.03
N THR C 49 2.36 -23.03 36.85
CA THR C 49 2.18 -22.22 35.66
C THR C 49 0.76 -21.71 35.74
N ARG C 50 0.60 -20.40 35.68
CA ARG C 50 -0.71 -19.86 35.91
C ARG C 50 -0.88 -18.47 35.31
N ARG C 51 -2.14 -18.09 35.18
CA ARG C 51 -2.52 -16.86 34.52
C ARG C 51 -3.14 -15.90 35.52
N TYR C 52 -2.96 -14.60 35.30
CA TYR C 52 -3.68 -13.59 36.08
C TYR C 52 -4.56 -12.77 35.14
N PRO C 53 -5.84 -13.18 35.02
CA PRO C 53 -6.76 -12.51 34.08
C PRO C 53 -7.20 -11.12 34.53
N ASP C 54 -7.35 -10.21 33.58
CA ASP C 54 -7.84 -8.85 33.79
C ASP C 54 -7.15 -8.15 34.98
N LEU C 55 -5.84 -7.97 34.87
CA LEU C 55 -5.07 -7.28 35.91
C LEU C 55 -5.57 -5.87 36.31
N PRO C 56 -5.94 -5.03 35.32
CA PRO C 56 -6.36 -3.67 35.70
C PRO C 56 -7.61 -3.61 36.59
N ALA C 57 -8.49 -4.60 36.49
CA ALA C 57 -9.74 -4.58 37.23
C ALA C 57 -9.61 -5.34 38.55
N ALA C 58 -8.45 -5.94 38.79
CA ALA C 58 -8.22 -6.76 39.97
C ALA C 58 -7.17 -6.12 40.86
N SER C 59 -6.53 -5.09 40.33
CA SER C 59 -5.48 -4.40 41.06
C SER C 59 -5.42 -2.92 40.68
N PRO C 60 -5.41 -2.05 41.70
CA PRO C 60 -5.25 -0.63 41.44
C PRO C 60 -3.81 -0.34 41.04
N VAL C 61 -2.89 -1.21 41.46
CA VAL C 61 -1.48 -1.11 41.08
C VAL C 61 -1.34 -1.27 39.57
N PHE C 62 -1.98 -2.30 39.04
CA PHE C 62 -1.87 -2.60 37.63
C PHE C 62 -2.83 -1.75 36.80
N ALA C 63 -3.86 -1.21 37.44
CA ALA C 63 -4.72 -0.23 36.76
C ALA C 63 -3.95 1.06 36.52
N ARG C 64 -3.01 1.38 37.40
CA ARG C 64 -2.15 2.54 37.22
C ARG C 64 -1.11 2.27 36.15
N LEU C 65 -0.50 1.09 36.19
CA LEU C 65 0.52 0.72 35.22
C LEU C 65 -0.02 0.82 33.78
N ALA C 66 -1.23 0.30 33.56
CA ALA C 66 -1.92 0.38 32.27
C ALA C 66 -1.95 1.79 31.68
N LEU C 67 -2.03 2.80 32.54
CA LEU C 67 -2.12 4.19 32.11
C LEU C 67 -0.84 4.97 32.37
N ASP C 68 0.23 4.25 32.71
CA ASP C 68 1.53 4.87 32.93
C ASP C 68 2.06 5.42 31.62
N ASP C 69 2.68 6.61 31.67
CA ASP C 69 3.14 7.26 30.46
C ASP C 69 4.34 6.58 29.83
N ARG C 70 5.10 5.86 30.65
CA ARG C 70 6.17 5.07 30.09
C ARG C 70 5.66 3.95 29.17
N LEU C 71 4.41 3.52 29.35
CA LEU C 71 3.81 2.58 28.42
C LEU C 71 3.01 3.30 27.33
N LEU C 72 2.31 4.35 27.71
CA LEU C 72 1.44 5.08 26.78
C LEU C 72 2.14 5.95 25.73
N ALA C 73 3.25 6.60 26.09
CA ALA C 73 3.97 7.40 25.10
C ALA C 73 4.44 6.51 23.94
N PRO C 74 5.16 5.39 24.22
CA PRO C 74 5.54 4.54 23.08
C PRO C 74 4.34 4.03 22.29
N VAL C 75 3.30 3.56 22.97
CA VAL C 75 2.10 3.06 22.31
C VAL C 75 1.46 4.10 21.38
N ARG C 76 1.30 5.33 21.89
CA ARG C 76 0.72 6.40 21.08
C ARG C 76 1.52 6.67 19.82
N ASP C 77 2.82 6.42 19.88
CA ASP C 77 3.68 6.70 18.72
C ASP C 77 3.49 5.69 17.61
N VAL C 78 3.04 4.48 17.95
CA VAL C 78 2.82 3.43 16.94
C VAL C 78 1.33 3.16 16.62
N VAL C 79 0.41 3.71 17.41
CA VAL C 79 -1.01 3.50 17.13
C VAL C 79 -1.57 4.74 16.45
N ASN C 80 -1.29 5.91 17.02
CA ASN C 80 -1.71 7.21 16.47
C ASN C 80 -3.21 7.28 16.16
N GLN C 81 -3.99 6.71 17.06
CA GLN C 81 -5.45 6.80 17.02
C GLN C 81 -5.92 7.22 18.41
N PRO C 82 -7.14 7.77 18.54
CA PRO C 82 -7.76 7.82 19.87
C PRO C 82 -7.64 6.46 20.56
N LEU C 83 -6.98 6.42 21.71
CA LEU C 83 -6.56 5.17 22.32
C LEU C 83 -7.58 4.52 23.26
N ARG C 84 -7.52 3.18 23.39
CA ARG C 84 -8.32 2.42 24.36
C ARG C 84 -7.51 1.25 24.93
N LEU C 85 -7.74 0.91 26.20
CA LEU C 85 -7.11 -0.25 26.84
C LEU C 85 -7.94 -1.48 26.56
N LEU C 86 -7.40 -2.40 25.78
CA LEU C 86 -8.17 -3.54 25.31
C LEU C 86 -8.01 -4.78 26.17
N GLU C 87 -6.96 -4.80 26.99
CA GLU C 87 -6.59 -6.05 27.66
C GLU C 87 -5.42 -5.85 28.63
N GLY C 88 -5.32 -6.71 29.62
CA GLY C 88 -4.25 -6.62 30.60
C GLY C 88 -4.21 -7.88 31.44
N TYR C 89 -3.07 -8.55 31.50
CA TYR C 89 -3.01 -9.81 32.24
C TYR C 89 -1.64 -10.09 32.78
N GLY C 90 -1.55 -11.09 33.65
CA GLY C 90 -0.29 -11.56 34.17
C GLY C 90 -0.02 -13.00 33.77
N LEU C 91 1.28 -13.34 33.66
CA LEU C 91 1.75 -14.67 33.25
C LEU C 91 2.90 -15.17 34.13
N ARG C 92 2.69 -16.30 34.80
CA ARG C 92 3.75 -16.95 35.52
C ARG C 92 4.09 -18.26 34.84
N ARG C 93 5.28 -18.36 34.25
CA ARG C 93 5.68 -19.58 33.53
C ARG C 93 6.74 -20.38 34.31
N THR C 94 6.57 -21.70 34.37
CA THR C 94 7.57 -22.59 34.96
C THR C 94 8.08 -23.57 33.90
N LYS C 95 8.82 -24.60 34.34
CA LYS C 95 9.35 -25.63 33.45
C LYS C 95 8.29 -26.26 32.56
N ASP C 96 8.67 -26.51 31.31
CA ASP C 96 7.87 -27.25 30.33
C ASP C 96 6.63 -26.52 29.84
N SER C 97 6.65 -25.19 29.91
CA SER C 97 5.67 -24.39 29.22
C SER C 97 6.25 -23.85 27.90
N VAL C 98 5.39 -23.75 26.88
CA VAL C 98 5.79 -23.24 25.59
C VAL C 98 4.62 -22.48 24.99
N LEU C 99 4.91 -21.47 24.17
CA LEU C 99 3.87 -20.78 23.43
C LEU C 99 4.15 -20.88 21.92
N TYR C 100 3.33 -21.67 21.21
CA TYR C 100 3.52 -21.90 19.77
C TYR C 100 3.22 -20.62 18.96
N LEU C 101 3.67 -20.60 17.70
CA LEU C 101 3.51 -19.41 16.87
C LEU C 101 2.04 -19.06 16.60
N HIS C 102 1.77 -17.75 16.65
CA HIS C 102 0.49 -17.17 16.24
C HIS C 102 0.80 -15.77 15.72
N GLY C 103 -0.17 -15.15 15.06
CA GLY C 103 0.08 -13.88 14.39
C GLY C 103 0.50 -14.05 12.93
N GLY C 104 1.13 -13.04 12.36
CA GLY C 104 1.47 -13.07 10.94
C GLY C 104 0.50 -12.33 10.05
N ASN C 105 1.02 -11.40 9.28
CA ASN C 105 0.23 -10.54 8.41
C ASN C 105 -0.69 -11.21 7.40
N SER C 106 -0.33 -12.41 6.94
CA SER C 106 -1.04 -13.02 5.81
C SER C 106 -1.58 -14.42 6.05
N GLU C 107 -1.74 -14.82 7.29
CA GLU C 107 -2.24 -16.16 7.57
C GLU C 107 -3.72 -16.32 7.17
N LEU C 108 -4.07 -17.53 6.72
CA LEU C 108 -5.37 -17.78 6.13
C LEU C 108 -6.45 -18.06 7.19
N LEU C 109 -7.68 -17.71 6.85
CA LEU C 109 -8.86 -18.06 7.64
C LEU C 109 -9.91 -18.55 6.68
N ASP C 110 -10.50 -19.71 6.97
CA ASP C 110 -11.67 -20.18 6.24
C ASP C 110 -12.91 -19.57 6.87
N LEU C 111 -13.69 -18.81 6.11
CA LEU C 111 -14.93 -18.23 6.64
C LEU C 111 -16.11 -19.15 6.43
N GLY C 112 -15.89 -20.23 5.71
CA GLY C 112 -16.99 -21.13 5.44
C GLY C 112 -17.31 -21.15 3.96
N ASP C 113 -17.69 -20.00 3.41
CA ASP C 113 -17.90 -19.93 1.97
C ASP C 113 -16.68 -19.38 1.25
N ARG C 114 -15.70 -18.85 1.99
CA ARG C 114 -14.46 -18.37 1.38
C ARG C 114 -13.20 -18.46 2.24
N GLN C 115 -12.09 -18.07 1.64
CA GLN C 115 -10.83 -18.04 2.36
C GLN C 115 -10.23 -16.63 2.34
N VAL C 116 -9.93 -16.09 3.52
CA VAL C 116 -9.41 -14.71 3.59
C VAL C 116 -8.01 -14.68 4.17
N GLY C 117 -7.25 -13.66 3.79
CA GLY C 117 -5.83 -13.65 4.10
C GLY C 117 -5.41 -12.34 4.73
N ARG C 118 -6.40 -11.54 5.09
CA ARG C 118 -6.17 -10.35 5.87
C ARG C 118 -6.90 -10.49 7.20
N ASP C 119 -6.32 -9.93 8.25
CA ASP C 119 -7.01 -9.77 9.54
C ASP C 119 -7.00 -8.28 9.89
N LEU C 120 -8.15 -7.61 9.81
CA LEU C 120 -8.14 -6.16 9.92
C LEU C 120 -7.84 -5.69 11.34
N SER C 121 -7.86 -6.59 12.32
CA SER C 121 -7.48 -6.21 13.68
C SER C 121 -5.98 -5.99 13.83
N ILE C 122 -5.18 -6.48 12.88
CA ILE C 122 -3.72 -6.31 12.93
C ILE C 122 -3.16 -5.65 11.68
N THR C 123 -4.02 -5.37 10.70
CA THR C 123 -3.63 -4.74 9.46
C THR C 123 -3.22 -3.27 9.67
N HIS C 124 -1.95 -2.97 9.42
CA HIS C 124 -1.39 -1.69 9.80
C HIS C 124 -0.89 -0.97 8.57
N THR C 125 -0.70 0.34 8.69
CA THR C 125 -0.32 1.13 7.56
C THR C 125 0.62 2.25 8.02
N TYR C 126 0.92 3.16 7.10
CA TYR C 126 1.86 4.23 7.34
C TYR C 126 1.45 5.40 6.45
N HIS C 127 1.54 6.62 6.97
CA HIS C 127 1.05 7.76 6.23
C HIS C 127 1.59 9.03 6.86
N ASP C 128 2.24 9.85 6.03
CA ASP C 128 2.76 11.16 6.43
C ASP C 128 3.54 11.18 7.75
N GLY C 129 4.54 10.32 7.89
CA GLY C 129 5.41 10.34 9.05
C GLY C 129 4.94 9.58 10.28
N LYS C 130 3.76 8.96 10.19
CA LYS C 130 3.24 8.23 11.34
C LYS C 130 2.91 6.77 11.02
N LEU C 131 3.29 5.89 11.94
CA LEU C 131 2.82 4.50 11.94
C LEU C 131 1.39 4.37 12.46
N TYR C 132 0.57 3.60 11.77
CA TYR C 132 -0.79 3.30 12.23
C TYR C 132 -1.01 1.82 12.44
N CYS C 133 -0.74 1.35 13.66
CA CYS C 133 -0.88 -0.07 13.99
C CYS C 133 -2.05 -0.21 14.91
N PRO C 134 -3.05 -1.00 14.52
CA PRO C 134 -4.26 -0.95 15.33
C PRO C 134 -4.19 -1.79 16.60
N TYR C 135 -3.36 -2.82 16.65
CA TYR C 135 -3.30 -3.61 17.88
C TYR C 135 -1.86 -3.86 18.30
N VAL C 136 -1.40 -3.11 19.29
CA VAL C 136 -0.06 -3.32 19.80
C VAL C 136 -0.14 -3.76 21.25
N LYS C 137 0.93 -4.39 21.70
CA LYS C 137 0.96 -4.98 23.02
C LYS C 137 2.19 -4.50 23.79
N ALA C 138 1.99 -4.10 25.05
CA ALA C 138 3.10 -3.73 25.91
C ALA C 138 3.41 -4.85 26.90
N LEU C 139 4.53 -5.53 26.71
CA LEU C 139 4.96 -6.55 27.64
C LEU C 139 5.91 -5.94 28.67
N VAL C 140 5.52 -6.02 29.95
CA VAL C 140 6.39 -5.57 31.02
C VAL C 140 7.02 -6.79 31.68
N TYR C 141 8.34 -6.92 31.53
CA TYR C 141 9.04 -8.09 32.01
C TYR C 141 9.47 -7.94 33.46
N LEU C 142 9.05 -8.90 34.28
CA LEU C 142 9.36 -8.88 35.70
C LEU C 142 10.44 -9.91 36.01
N SER C 143 10.98 -10.53 34.97
CA SER C 143 12.07 -11.47 35.13
C SER C 143 13.09 -11.32 34.02
N ASP C 144 14.33 -11.69 34.32
CA ASP C 144 15.37 -11.82 33.32
C ASP C 144 15.09 -13.03 32.42
N ILE C 145 15.22 -12.86 31.12
CA ILE C 145 15.18 -14.01 30.21
C ILE C 145 16.37 -13.91 29.30
N GLN C 146 17.35 -14.79 29.51
CA GLN C 146 18.67 -14.58 28.89
C GLN C 146 19.18 -15.74 28.04
N SER C 147 18.36 -16.77 27.86
CA SER C 147 18.70 -17.91 27.01
C SER C 147 17.43 -18.58 26.48
N PRO C 148 17.52 -19.25 25.33
CA PRO C 148 16.30 -19.84 24.75
C PRO C 148 15.60 -20.81 25.70
N GLU C 149 16.33 -21.51 26.56
CA GLU C 149 15.73 -22.47 27.47
C GLU C 149 15.03 -21.79 28.62
N ASP C 150 15.28 -20.51 28.80
CA ASP C 150 14.52 -19.71 29.76
C ASP C 150 13.13 -19.40 29.21
N GLY C 151 12.90 -19.79 27.97
CA GLY C 151 11.63 -19.57 27.30
C GLY C 151 11.55 -18.22 26.63
N SER C 152 12.61 -17.86 25.88
CA SER C 152 12.73 -16.53 25.29
C SER C 152 11.67 -16.23 24.23
N PHE C 153 11.31 -14.95 24.12
CA PHE C 153 10.40 -14.50 23.08
C PHE C 153 11.05 -14.77 21.70
N CYS C 154 10.33 -15.43 20.80
CA CYS C 154 10.85 -15.63 19.45
C CYS C 154 9.88 -15.18 18.37
N TYR C 155 10.42 -14.87 17.19
CA TYR C 155 9.61 -14.30 16.12
C TYR C 155 10.17 -14.65 14.73
N VAL C 156 9.30 -14.62 13.72
CA VAL C 156 9.69 -14.79 12.33
C VAL C 156 10.00 -13.43 11.71
N GLN C 157 11.23 -13.25 11.22
CA GLN C 157 11.66 -11.94 10.71
C GLN C 157 10.73 -11.41 9.62
N GLY C 158 10.28 -10.16 9.79
CA GLY C 158 9.47 -9.49 8.79
C GLY C 158 8.06 -10.04 8.64
N SER C 159 7.66 -10.95 9.52
CA SER C 159 6.36 -11.59 9.35
C SER C 159 5.20 -10.60 9.57
N HIS C 160 5.49 -9.45 10.16
CA HIS C 160 4.46 -8.44 10.38
C HIS C 160 4.06 -7.78 9.06
N LYS C 161 4.86 -7.97 8.00
CA LYS C 161 4.51 -7.42 6.70
C LYS C 161 4.51 -8.48 5.61
N ALA C 162 4.43 -9.75 6.00
CA ALA C 162 4.40 -10.81 5.02
C ALA C 162 3.19 -10.72 4.12
N ASN C 163 3.39 -10.98 2.83
CA ASN C 163 2.31 -11.07 1.85
C ASN C 163 1.85 -12.49 1.57
N PHE C 164 2.68 -13.48 1.89
CA PHE C 164 2.29 -14.86 1.68
C PHE C 164 1.97 -15.50 3.02
N PRO C 165 1.12 -16.52 3.02
CA PRO C 165 0.85 -17.28 4.24
C PRO C 165 1.94 -18.31 4.47
N LEU C 166 2.21 -18.64 5.72
CA LEU C 166 3.27 -19.60 6.04
C LEU C 166 2.73 -20.91 6.62
N LEU C 167 1.75 -20.80 7.52
CA LEU C 167 1.35 -21.94 8.34
C LEU C 167 0.44 -22.95 7.62
N ARG C 168 -0.41 -22.48 6.71
CA ARG C 168 -1.35 -23.38 6.03
C ARG C 168 -0.62 -24.51 5.32
N GLU C 169 0.39 -24.17 4.52
CA GLU C 169 1.15 -25.16 3.76
C GLU C 169 1.89 -26.16 4.66
N ARG C 170 2.25 -25.73 5.86
CA ARG C 170 2.89 -26.64 6.80
C ARG C 170 1.86 -27.56 7.41
N ALA C 171 0.68 -27.04 7.71
CA ALA C 171 -0.39 -27.86 8.25
C ALA C 171 -0.78 -28.94 7.25
N GLU C 172 -0.85 -28.55 5.99
CA GLU C 172 -1.31 -29.43 4.93
C GLU C 172 -0.30 -30.52 4.60
N ARG C 173 1.00 -30.20 4.66
CA ARG C 173 2.05 -31.19 4.39
C ARG C 173 2.22 -32.21 5.50
N GLY C 174 1.39 -32.10 6.53
CA GLY C 174 1.38 -33.09 7.59
C GLY C 174 2.37 -32.85 8.71
N GLU C 175 2.94 -31.66 8.76
CA GLU C 175 3.80 -31.28 9.89
C GLU C 175 2.98 -31.34 11.16
N ASN C 176 3.65 -31.60 12.28
CA ASN C 176 2.98 -31.59 13.58
C ASN C 176 3.93 -31.06 14.65
N THR C 177 5.06 -30.54 14.18
CA THR C 177 6.05 -29.89 15.03
C THR C 177 5.97 -28.38 14.87
N SER C 178 6.09 -27.68 16.00
CA SER C 178 6.18 -26.23 15.99
C SER C 178 7.58 -25.76 15.62
N LEU C 179 7.66 -24.64 14.90
CA LEU C 179 8.94 -24.02 14.57
C LEU C 179 9.68 -23.55 15.81
N VAL C 180 8.97 -23.50 16.91
CA VAL C 180 9.55 -23.08 18.18
C VAL C 180 10.50 -24.16 18.71
N ASP C 181 10.07 -25.41 18.53
CA ASP C 181 10.83 -26.58 18.95
C ASP C 181 11.79 -27.01 17.86
N SER C 182 11.44 -26.69 16.62
CA SER C 182 12.12 -27.23 15.43
C SER C 182 13.12 -26.29 14.79
N GLY C 183 12.87 -24.98 14.92
CA GLY C 183 13.69 -23.97 14.28
C GLY C 183 13.20 -23.59 12.89
N PHE C 184 13.65 -22.43 12.42
CA PHE C 184 13.31 -21.93 11.10
C PHE C 184 14.38 -20.91 10.70
N PRO C 185 14.67 -20.79 9.40
CA PRO C 185 15.78 -19.90 9.00
C PRO C 185 15.64 -18.47 9.53
N THR C 186 14.43 -17.94 9.54
CA THR C 186 14.28 -16.55 9.95
C THR C 186 13.58 -16.44 11.30
N LEU C 187 13.60 -17.52 12.08
CA LEU C 187 13.15 -17.49 13.46
C LEU C 187 14.28 -17.06 14.39
N SER C 188 14.08 -15.95 15.10
CA SER C 188 15.09 -15.37 15.97
C SER C 188 14.59 -15.27 17.39
N ASP C 189 15.50 -15.15 18.34
CA ASP C 189 15.09 -14.97 19.73
C ASP C 189 15.28 -13.53 20.22
N VAL C 190 14.68 -13.22 21.35
CA VAL C 190 14.81 -11.91 21.97
C VAL C 190 15.11 -12.13 23.45
N PHE C 191 16.17 -11.49 23.94
CA PHE C 191 16.49 -11.58 25.35
C PHE C 191 16.22 -10.27 26.03
N VAL C 192 15.69 -10.34 27.23
CA VAL C 192 15.29 -9.16 27.98
C VAL C 192 15.76 -9.21 29.42
N ARG C 193 15.87 -8.05 30.05
CA ARG C 193 16.08 -7.94 31.48
C ARG C 193 14.77 -7.57 32.13
N SER C 194 14.60 -7.90 33.40
CA SER C 194 13.42 -7.45 34.13
C SER C 194 13.43 -5.94 34.20
N GLY C 195 12.27 -5.34 34.01
CA GLY C 195 12.17 -3.89 33.94
C GLY C 195 12.18 -3.40 32.51
N ASP C 196 12.52 -4.29 31.59
CA ASP C 196 12.45 -3.97 30.17
C ASP C 196 11.01 -4.09 29.66
N VAL C 197 10.65 -3.23 28.72
CA VAL C 197 9.36 -3.36 28.07
C VAL C 197 9.54 -3.75 26.61
N LEU C 198 8.77 -4.74 26.17
CA LEU C 198 8.75 -5.11 24.76
C LEU C 198 7.49 -4.60 24.12
N LEU C 199 7.68 -3.65 23.22
CA LEU C 199 6.59 -3.08 22.44
C LEU C 199 6.34 -3.96 21.21
N LEU C 200 5.10 -4.41 21.04
CA LEU C 200 4.83 -5.46 20.06
C LEU C 200 3.65 -5.18 19.12
N ASN C 201 3.94 -5.10 17.81
CA ASN C 201 2.89 -5.11 16.79
C ASN C 201 2.34 -6.53 16.60
N GLU C 202 1.06 -6.72 16.92
CA GLU C 202 0.45 -8.05 16.89
C GLU C 202 0.34 -8.68 15.50
N ALA C 203 0.69 -7.93 14.45
CA ALA C 203 0.85 -8.52 13.12
C ALA C 203 2.06 -9.47 13.04
N LEU C 204 3.10 -9.21 13.85
CA LEU C 204 4.26 -10.10 13.92
C LEU C 204 3.85 -11.55 14.27
N MET C 205 4.43 -12.52 13.57
CA MET C 205 4.27 -13.93 13.95
C MET C 205 5.31 -14.25 15.02
N HIS C 206 4.85 -14.69 16.17
CA HIS C 206 5.70 -14.77 17.35
C HIS C 206 5.17 -15.82 18.33
N GLY C 207 6.05 -16.23 19.25
CA GLY C 207 5.73 -17.23 20.25
C GLY C 207 6.86 -17.16 21.27
N THR C 208 6.99 -18.16 22.13
CA THR C 208 8.20 -18.27 22.94
C THR C 208 8.76 -19.69 22.92
N ARG C 209 10.05 -19.83 23.15
CA ARG C 209 10.66 -21.15 23.26
C ARG C 209 10.12 -21.93 24.45
N ARG C 210 10.25 -23.25 24.36
CA ARG C 210 9.93 -24.14 25.46
C ARG C 210 10.86 -23.83 26.64
N LYS C 211 10.31 -23.63 27.83
CA LYS C 211 11.14 -23.38 29.00
C LYS C 211 11.53 -24.70 29.71
N LEU C 212 12.84 -24.92 29.89
CA LEU C 212 13.39 -26.13 30.52
C LEU C 212 14.24 -25.86 31.75
N THR C 213 14.33 -24.60 32.14
CA THR C 213 15.15 -24.19 33.27
C THR C 213 14.29 -23.99 34.51
N GLU C 214 14.94 -23.84 35.66
CA GLU C 214 14.24 -23.63 36.91
C GLU C 214 13.97 -22.16 37.13
N GLY C 215 13.08 -21.85 38.06
CA GLY C 215 12.74 -20.48 38.37
C GLY C 215 11.44 -20.09 37.71
N ASP C 216 11.00 -18.86 37.95
CA ASP C 216 9.73 -18.40 37.40
C ASP C 216 9.91 -17.33 36.34
N ARG C 217 9.30 -17.56 35.18
CA ARG C 217 9.18 -16.56 34.14
C ARG C 217 7.95 -15.68 34.44
N LEU C 218 8.19 -14.42 34.79
CA LEU C 218 7.12 -13.48 35.15
C LEU C 218 7.01 -12.26 34.24
N LEU C 219 5.83 -12.04 33.68
CA LEU C 219 5.59 -10.79 32.96
C LEU C 219 4.14 -10.33 33.07
N THR C 220 3.89 -9.06 32.72
CA THR C 220 2.52 -8.56 32.57
C THR C 220 2.39 -7.99 31.17
N ALA C 221 1.17 -7.98 30.63
CA ALA C 221 0.99 -7.51 29.27
C ALA C 221 -0.28 -6.68 29.18
N PHE C 222 -0.22 -5.62 28.37
CA PHE C 222 -1.36 -4.73 28.18
C PHE C 222 -1.56 -4.48 26.69
N GLY C 223 -2.80 -4.65 26.22
CA GLY C 223 -3.12 -4.44 24.83
C GLY C 223 -3.86 -3.14 24.59
N TYR C 224 -3.42 -2.39 23.58
CA TYR C 224 -4.05 -1.13 23.24
C TYR C 224 -4.45 -1.08 21.76
N GLY C 225 -5.50 -0.33 21.47
CA GLY C 225 -5.89 -0.06 20.11
C GLY C 225 -6.87 1.08 20.05
N PRO C 226 -7.48 1.29 18.89
CA PRO C 226 -8.44 2.38 18.70
C PRO C 226 -9.68 2.24 19.58
N THR C 227 -10.34 3.35 19.85
CA THR C 227 -11.50 3.35 20.73
C THR C 227 -12.69 2.58 20.14
N PHE C 228 -12.64 2.28 18.85
CA PHE C 228 -13.71 1.51 18.25
C PHE C 228 -13.42 0.00 18.21
N PHE C 229 -12.26 -0.43 18.71
CA PHE C 229 -12.03 -1.86 18.96
C PHE C 229 -12.70 -2.28 20.27
N THR C 230 -13.27 -3.48 20.30
CA THR C 230 -13.85 -3.99 21.56
C THR C 230 -12.75 -4.55 22.46
N GLU C 231 -13.06 -4.69 23.74
CA GLU C 231 -12.14 -5.31 24.70
C GLU C 231 -11.90 -6.70 24.22
N TRP C 232 -10.69 -7.22 24.41
CA TRP C 232 -10.31 -8.46 23.78
C TRP C 232 -11.14 -9.62 24.29
N ARG C 233 -11.57 -10.46 23.36
CA ARG C 233 -12.42 -11.58 23.67
C ARG C 233 -12.30 -12.55 22.51
N GLU C 234 -12.11 -13.83 22.83
CA GLU C 234 -11.96 -14.83 21.79
C GLU C 234 -13.32 -15.19 21.23
N LEU C 235 -13.39 -15.29 19.91
CA LEU C 235 -14.59 -15.67 19.20
C LEU C 235 -14.23 -16.70 18.14
N ASP C 236 -14.84 -17.88 18.21
CA ASP C 236 -14.56 -18.99 17.29
C ASP C 236 -14.86 -18.70 15.82
N ALA C 237 -16.04 -18.13 15.58
CA ALA C 237 -16.48 -17.76 14.24
C ALA C 237 -17.55 -16.69 14.39
N GLU C 238 -18.10 -16.15 13.30
CA GLU C 238 -19.08 -15.08 13.44
C GLU C 238 -20.36 -15.66 14.02
N THR C 239 -20.96 -14.97 15.00
CA THR C 239 -22.13 -15.52 15.68
C THR C 239 -23.29 -15.65 14.71
N ALA C 240 -24.20 -16.55 15.05
CA ALA C 240 -25.28 -16.92 14.16
C ALA C 240 -26.17 -15.72 13.85
N ASP C 241 -26.19 -14.74 14.75
CA ASP C 241 -27.06 -13.56 14.59
C ASP C 241 -26.31 -12.25 14.36
N LEU C 242 -25.02 -12.35 14.02
CA LEU C 242 -24.20 -11.18 13.74
C LEU C 242 -24.20 -10.15 14.86
N ARG C 243 -24.38 -10.60 16.09
CA ARG C 243 -24.37 -9.68 17.23
C ARG C 243 -23.12 -9.83 18.06
N GLY C 244 -22.58 -11.03 18.02
CA GLY C 244 -21.43 -11.36 18.83
C GLY C 244 -20.21 -10.57 18.45
N ALA C 245 -19.54 -10.04 19.46
CA ALA C 245 -18.28 -9.34 19.29
C ALA C 245 -17.10 -10.19 19.73
N GLY C 246 -15.92 -9.90 19.18
CA GLY C 246 -14.72 -10.64 19.53
C GLY C 246 -13.75 -10.76 18.38
N TYR C 247 -12.67 -11.48 18.62
CA TYR C 247 -11.56 -11.63 17.68
C TYR C 247 -11.43 -13.08 17.22
N VAL C 248 -11.58 -13.29 15.92
CA VAL C 248 -11.42 -14.60 15.31
C VAL C 248 -10.01 -14.75 14.76
N ASP C 249 -9.21 -15.64 15.34
CA ASP C 249 -7.85 -15.69 14.83
C ASP C 249 -7.74 -16.58 13.60
N HIS C 250 -6.65 -16.35 12.87
CA HIS C 250 -6.37 -17.06 11.64
C HIS C 250 -5.51 -18.26 12.00
N ASP C 251 -4.86 -18.87 11.01
CA ASP C 251 -4.02 -20.03 11.27
C ASP C 251 -2.97 -19.76 12.36
N VAL C 252 -2.98 -20.61 13.37
CA VAL C 252 -1.97 -20.58 14.41
C VAL C 252 -1.39 -21.99 14.55
N GLU C 253 -0.19 -22.12 15.09
CA GLU C 253 0.42 -23.45 15.16
C GLU C 253 -0.38 -24.40 16.06
N GLU C 254 -0.95 -23.89 17.13
CA GLU C 254 -1.80 -24.68 18.02
C GLU C 254 -2.88 -25.50 17.29
N ASP C 255 -3.20 -25.12 16.06
CA ASP C 255 -4.25 -25.77 15.27
C ASP C 255 -3.88 -27.16 14.76
N PHE C 256 -2.59 -27.47 14.66
CA PHE C 256 -2.21 -28.74 14.07
C PHE C 256 -0.96 -29.39 14.65
N VAL C 257 -0.48 -28.88 15.77
CA VAL C 257 0.75 -29.39 16.36
C VAL C 257 0.49 -30.44 17.45
N PRO D 2 3.79 28.47 -10.83
CA PRO D 2 3.15 27.48 -11.71
C PRO D 2 3.01 26.08 -11.09
N ALA D 3 3.43 25.94 -9.83
CA ALA D 3 3.24 24.69 -9.10
C ALA D 3 1.76 24.46 -8.76
N LEU D 4 1.42 23.21 -8.45
CA LEU D 4 0.04 22.85 -8.21
C LEU D 4 -0.40 23.23 -6.82
N THR D 5 -1.62 23.77 -6.72
CA THR D 5 -2.24 24.04 -5.43
C THR D 5 -2.70 22.74 -4.77
N ARG D 6 -3.03 22.81 -3.48
CA ARG D 6 -3.51 21.64 -2.75
C ARG D 6 -4.73 21.02 -3.40
N GLU D 7 -5.62 21.88 -3.91
CA GLU D 7 -6.84 21.41 -4.56
C GLU D 7 -6.51 20.73 -5.88
N GLN D 8 -5.55 21.28 -6.62
CA GLN D 8 -5.16 20.63 -7.87
C GLN D 8 -4.50 19.27 -7.59
N LEU D 9 -3.68 19.20 -6.55
CA LEU D 9 -3.06 17.92 -6.17
C LEU D 9 -4.10 16.89 -5.74
N TYR D 10 -5.09 17.33 -4.95
CA TYR D 10 -6.18 16.46 -4.54
C TYR D 10 -6.87 15.88 -5.77
N ILE D 11 -7.36 16.75 -6.64
CA ILE D 11 -8.02 16.30 -7.85
C ILE D 11 -7.18 15.30 -8.68
N PHE D 12 -5.89 15.56 -8.85
CA PHE D 12 -5.04 14.67 -9.66
C PHE D 12 -4.87 13.32 -9.00
N ASP D 13 -4.75 13.32 -7.68
CA ASP D 13 -4.64 12.09 -6.91
C ASP D 13 -5.93 11.27 -6.99
N THR D 14 -7.06 11.93 -6.77
CA THR D 14 -8.34 11.25 -6.68
C THR D 14 -8.94 10.87 -8.02
N THR D 15 -8.57 11.57 -9.10
CA THR D 15 -9.16 11.28 -10.42
C THR D 15 -8.17 10.71 -11.43
N GLY D 16 -6.89 11.04 -11.29
CA GLY D 16 -5.87 10.50 -12.16
C GLY D 16 -5.47 11.43 -13.30
N PHE D 17 -6.10 12.60 -13.36
CA PHE D 17 -5.74 13.60 -14.36
C PHE D 17 -6.09 15.00 -13.86
N LEU D 18 -5.75 16.01 -14.65
CA LEU D 18 -5.97 17.41 -14.26
C LEU D 18 -6.04 18.29 -15.49
N VAL D 19 -7.13 19.04 -15.64
CA VAL D 19 -7.19 20.04 -16.69
C VAL D 19 -6.72 21.36 -16.13
N ILE D 20 -5.71 21.94 -16.75
CA ILE D 20 -5.14 23.21 -16.35
C ILE D 20 -5.51 24.21 -17.44
N PRO D 21 -6.47 25.09 -17.14
CA PRO D 21 -7.08 25.96 -18.14
C PRO D 21 -6.22 27.15 -18.55
N GLY D 22 -6.30 27.52 -19.82
CA GLY D 22 -5.65 28.71 -20.34
C GLY D 22 -4.18 28.85 -20.02
N VAL D 23 -3.42 27.79 -20.21
CA VAL D 23 -2.00 27.82 -19.92
C VAL D 23 -1.27 28.64 -20.99
N PHE D 24 -1.66 28.43 -22.23
CA PHE D 24 -1.08 29.13 -23.38
C PHE D 24 -2.11 30.08 -23.98
N GLY D 25 -1.66 31.28 -24.33
CA GLY D 25 -2.55 32.26 -24.94
C GLY D 25 -2.79 31.94 -26.39
N SER D 26 -3.72 32.67 -27.01
CA SER D 26 -4.13 32.40 -28.38
C SER D 26 -3.02 32.73 -29.37
N GLY D 27 -2.13 33.65 -28.99
CA GLY D 27 -0.96 33.91 -29.82
C GLY D 27 -0.04 32.71 -29.83
N GLU D 28 0.21 32.18 -28.65
CA GLU D 28 1.05 31.00 -28.50
C GLU D 28 0.43 29.80 -29.20
N VAL D 29 -0.89 29.68 -29.14
CA VAL D 29 -1.52 28.51 -29.73
C VAL D 29 -1.45 28.58 -31.25
N GLU D 30 -1.58 29.78 -31.81
CA GLU D 30 -1.46 29.95 -33.26
C GLU D 30 -0.03 29.69 -33.70
N SER D 31 0.91 30.03 -32.84
CA SER D 31 2.30 29.76 -33.12
C SER D 31 2.55 28.24 -33.20
N PHE D 32 1.91 27.47 -32.33
CA PHE D 32 2.09 26.03 -32.34
C PHE D 32 1.38 25.38 -33.53
N ARG D 33 0.20 25.87 -33.87
CA ARG D 33 -0.57 25.32 -35.00
C ARG D 33 0.17 25.57 -36.29
N SER D 34 0.73 26.78 -36.37
CA SER D 34 1.47 27.22 -37.54
C SER D 34 2.70 26.34 -37.74
N GLU D 35 3.37 26.03 -36.63
CA GLU D 35 4.57 25.23 -36.71
C GLU D 35 4.25 23.80 -37.15
N LEU D 36 3.10 23.29 -36.72
CA LEU D 36 2.68 21.95 -37.10
C LEU D 36 2.27 21.88 -38.57
N GLU D 37 2.04 23.05 -39.17
CA GLU D 37 1.77 23.10 -40.61
C GLU D 37 3.06 22.91 -41.42
N ARG D 38 4.20 23.32 -40.86
CA ARG D 38 5.49 23.13 -41.52
C ARG D 38 5.85 21.66 -41.71
N LEU D 39 5.45 20.80 -40.77
CA LEU D 39 5.88 19.40 -40.78
C LEU D 39 4.92 18.48 -41.55
N ARG D 50 -3.36 10.98 -38.21
CA ARG D 50 -2.00 11.48 -38.42
C ARG D 50 -1.24 11.73 -37.13
N ARG D 51 -0.07 11.10 -36.99
CA ARG D 51 0.77 11.35 -35.81
C ARG D 51 2.06 12.06 -36.25
N TYR D 52 2.50 13.02 -35.44
CA TYR D 52 3.72 13.77 -35.68
C TYR D 52 4.81 13.37 -34.69
N PRO D 53 5.54 12.29 -35.01
CA PRO D 53 6.50 11.69 -34.08
C PRO D 53 7.72 12.57 -33.80
N ASP D 54 8.19 12.54 -32.56
CA ASP D 54 9.38 13.27 -32.11
C ASP D 54 9.44 14.74 -32.53
N LEU D 55 8.51 15.53 -31.99
CA LEU D 55 8.45 16.95 -32.29
C LEU D 55 9.67 17.75 -31.83
N PRO D 56 10.16 17.52 -30.59
CA PRO D 56 11.33 18.32 -30.19
C PRO D 56 12.51 18.21 -31.15
N ALA D 57 12.85 17.00 -31.56
CA ALA D 57 13.95 16.79 -32.48
C ALA D 57 13.67 17.41 -33.85
N ALA D 58 12.40 17.67 -34.16
CA ALA D 58 12.00 18.12 -35.49
C ALA D 58 11.77 19.62 -35.58
N SER D 59 11.76 20.29 -34.43
CA SER D 59 11.37 21.70 -34.41
C SER D 59 11.77 22.41 -33.12
N PRO D 60 12.52 23.53 -33.26
CA PRO D 60 12.98 24.33 -32.11
C PRO D 60 11.85 24.87 -31.24
N VAL D 61 10.70 25.15 -31.83
CA VAL D 61 9.57 25.68 -31.09
C VAL D 61 9.05 24.65 -30.09
N PHE D 62 8.93 23.41 -30.56
CA PHE D 62 8.46 22.32 -29.70
C PHE D 62 9.55 21.76 -28.78
N ALA D 63 10.82 21.94 -29.14
CA ALA D 63 11.93 21.64 -28.23
C ALA D 63 11.86 22.56 -27.01
N ARG D 64 11.56 23.83 -27.26
CA ARG D 64 11.32 24.78 -26.19
C ARG D 64 10.06 24.45 -25.38
N LEU D 65 8.99 24.07 -26.07
CA LEU D 65 7.72 23.80 -25.38
C LEU D 65 7.87 22.62 -24.45
N ALA D 66 8.67 21.65 -24.87
CA ALA D 66 8.87 20.44 -24.11
C ALA D 66 9.53 20.72 -22.77
N LEU D 67 10.26 21.84 -22.70
CA LEU D 67 11.00 22.21 -21.48
C LEU D 67 10.43 23.47 -20.86
N ASP D 68 9.32 23.97 -21.41
CA ASP D 68 8.66 25.13 -20.85
C ASP D 68 8.23 24.81 -19.43
N ASP D 69 8.34 25.81 -18.55
CA ASP D 69 8.11 25.57 -17.15
C ASP D 69 6.63 25.49 -16.81
N ARG D 70 5.77 25.95 -17.71
CA ARG D 70 4.35 25.76 -17.51
C ARG D 70 3.95 24.27 -17.61
N LEU D 71 4.79 23.45 -18.26
CA LEU D 71 4.59 22.01 -18.29
C LEU D 71 5.39 21.32 -17.20
N LEU D 72 6.66 21.69 -17.06
CA LEU D 72 7.55 21.04 -16.11
C LEU D 72 7.14 21.23 -14.65
N ALA D 73 6.67 22.43 -14.27
CA ALA D 73 6.26 22.69 -12.89
C ALA D 73 5.17 21.72 -12.39
N PRO D 74 4.04 21.55 -13.13
CA PRO D 74 3.06 20.57 -12.65
C PRO D 74 3.54 19.10 -12.79
N VAL D 75 4.27 18.82 -13.85
CA VAL D 75 4.83 17.48 -14.05
C VAL D 75 5.72 17.08 -12.86
N ARG D 76 6.63 17.95 -12.46
CA ARG D 76 7.49 17.69 -11.31
C ARG D 76 6.71 17.39 -10.03
N ASP D 77 5.58 18.08 -9.84
CA ASP D 77 4.75 17.93 -8.64
C ASP D 77 4.05 16.56 -8.55
N VAL D 78 3.86 15.86 -9.67
CA VAL D 78 3.20 14.56 -9.62
C VAL D 78 4.16 13.37 -9.90
N VAL D 79 5.39 13.64 -10.41
CA VAL D 79 6.39 12.58 -10.61
C VAL D 79 7.40 12.51 -9.46
N ASN D 80 7.94 13.67 -9.09
CA ASN D 80 8.85 13.80 -7.95
C ASN D 80 10.07 12.89 -8.01
N GLN D 81 10.62 12.75 -9.21
CA GLN D 81 11.84 11.99 -9.47
C GLN D 81 12.74 12.85 -10.33
N PRO D 82 14.05 12.57 -10.32
CA PRO D 82 14.89 13.13 -11.39
C PRO D 82 14.22 12.87 -12.74
N LEU D 83 13.92 13.93 -13.46
CA LEU D 83 13.04 13.87 -14.61
C LEU D 83 13.76 13.65 -15.96
N ARG D 84 13.09 12.94 -16.87
CA ARG D 84 13.58 12.72 -18.22
C ARG D 84 12.41 12.85 -19.20
N LEU D 85 12.67 13.45 -20.36
CA LEU D 85 11.65 13.58 -21.40
C LEU D 85 11.61 12.31 -22.23
N LEU D 86 10.48 11.59 -22.22
CA LEU D 86 10.44 10.26 -22.82
C LEU D 86 9.80 10.22 -24.20
N GLU D 87 8.95 11.20 -24.50
CA GLU D 87 8.33 11.27 -25.82
C GLU D 87 7.68 12.62 -26.03
N GLY D 88 7.45 12.93 -27.31
CA GLY D 88 6.88 14.21 -27.70
C GLY D 88 6.36 14.12 -29.12
N TYR D 89 5.04 14.09 -29.25
CA TYR D 89 4.42 13.92 -30.55
C TYR D 89 3.30 14.90 -30.78
N GLY D 90 2.88 15.00 -32.03
CA GLY D 90 1.75 15.80 -32.42
C GLY D 90 0.69 14.89 -32.99
N LEU D 91 -0.56 15.34 -32.90
CA LEU D 91 -1.74 14.52 -33.21
C LEU D 91 -2.78 15.31 -33.98
N ARG D 92 -3.12 14.85 -35.17
CA ARG D 92 -4.20 15.47 -35.91
C ARG D 92 -5.24 14.42 -36.21
N ARG D 93 -6.47 14.63 -35.73
CA ARG D 93 -7.55 13.70 -36.01
C ARG D 93 -8.63 14.38 -36.83
N THR D 94 -9.26 13.62 -37.72
CA THR D 94 -10.42 14.12 -38.43
C THR D 94 -11.66 13.26 -38.15
N LYS D 95 -12.66 13.41 -39.02
CA LYS D 95 -13.94 12.75 -38.87
C LYS D 95 -13.83 11.22 -38.91
N ASP D 96 -14.58 10.58 -38.02
CA ASP D 96 -14.61 9.12 -37.85
C ASP D 96 -13.29 8.54 -37.34
N SER D 97 -12.46 9.36 -36.72
CA SER D 97 -11.38 8.79 -35.94
C SER D 97 -11.84 8.58 -34.50
N VAL D 98 -11.21 7.62 -33.82
CA VAL D 98 -11.59 7.23 -32.47
C VAL D 98 -10.34 6.70 -31.79
N LEU D 99 -10.33 6.70 -30.46
CA LEU D 99 -9.27 6.09 -29.69
C LEU D 99 -9.86 5.20 -28.56
N TYR D 100 -9.76 3.89 -28.74
CA TYR D 100 -10.29 2.91 -27.78
C TYR D 100 -9.55 2.92 -26.44
N LEU D 101 -10.16 2.34 -25.41
CA LEU D 101 -9.57 2.40 -24.08
C LEU D 101 -8.24 1.65 -23.99
N HIS D 102 -7.35 2.18 -23.17
CA HIS D 102 -6.05 1.60 -22.84
C HIS D 102 -5.62 2.23 -21.53
N GLY D 103 -4.58 1.69 -20.91
CA GLY D 103 -4.21 2.10 -19.56
C GLY D 103 -5.00 1.26 -18.57
N GLY D 104 -5.04 1.68 -17.30
CA GLY D 104 -5.74 0.88 -16.32
C GLY D 104 -4.77 0.17 -15.39
N ASN D 105 -4.91 0.44 -14.10
CA ASN D 105 -3.95 -0.02 -13.10
C ASN D 105 -3.79 -1.54 -13.02
N SER D 106 -4.83 -2.29 -13.36
CA SER D 106 -4.80 -3.72 -13.10
C SER D 106 -5.12 -4.57 -14.31
N GLU D 107 -4.96 -4.01 -15.50
CA GLU D 107 -5.19 -4.81 -16.71
C GLU D 107 -4.14 -5.91 -16.84
N LEU D 108 -4.60 -7.08 -17.31
CA LEU D 108 -3.75 -8.26 -17.33
C LEU D 108 -2.82 -8.29 -18.55
N LEU D 109 -1.77 -9.10 -18.44
CA LEU D 109 -0.83 -9.34 -19.54
C LEU D 109 -0.32 -10.76 -19.42
N ASP D 110 -0.55 -11.58 -20.45
CA ASP D 110 0.01 -12.94 -20.50
C ASP D 110 1.51 -12.87 -20.80
N LEU D 111 2.30 -13.48 -19.92
CA LEU D 111 3.74 -13.38 -19.99
C LEU D 111 4.41 -14.66 -20.49
N GLY D 112 3.69 -15.45 -21.28
CA GLY D 112 4.24 -16.74 -21.65
C GLY D 112 3.79 -17.76 -20.63
N ASP D 113 4.63 -18.02 -19.63
CA ASP D 113 4.30 -19.07 -18.67
C ASP D 113 3.48 -18.62 -17.47
N ARG D 114 2.96 -17.39 -17.51
CA ARG D 114 2.21 -16.83 -16.38
C ARG D 114 1.42 -15.57 -16.73
N GLN D 115 0.59 -15.13 -15.80
CA GLN D 115 -0.22 -13.96 -16.05
C GLN D 115 -0.07 -12.90 -14.95
N VAL D 116 0.31 -11.68 -15.34
CA VAL D 116 0.58 -10.63 -14.37
C VAL D 116 -0.44 -9.48 -14.43
N GLY D 117 -0.63 -8.79 -13.32
CA GLY D 117 -1.67 -7.79 -13.21
C GLY D 117 -1.18 -6.45 -12.70
N ARG D 118 0.14 -6.28 -12.68
CA ARG D 118 0.75 -4.97 -12.43
C ARG D 118 1.56 -4.60 -13.65
N ASP D 119 1.57 -3.31 -13.97
CA ASP D 119 2.46 -2.78 -15.01
C ASP D 119 3.31 -1.73 -14.35
N LEU D 120 4.61 -1.97 -14.22
CA LEU D 120 5.41 -1.09 -13.38
C LEU D 120 5.68 0.27 -14.01
N SER D 121 5.50 0.39 -15.32
CA SER D 121 5.72 1.68 -15.99
C SER D 121 4.64 2.69 -15.63
N ILE D 122 3.56 2.24 -14.99
CA ILE D 122 2.50 3.16 -14.63
C ILE D 122 2.05 2.95 -13.20
N THR D 123 2.74 2.06 -12.49
CA THR D 123 2.44 1.81 -11.08
C THR D 123 2.90 2.96 -10.19
N HIS D 124 1.97 3.60 -9.50
CA HIS D 124 2.29 4.84 -8.81
C HIS D 124 2.05 4.74 -7.32
N THR D 125 2.55 5.70 -6.57
CA THR D 125 2.41 5.62 -5.12
C THR D 125 2.42 7.00 -4.49
N TYR D 126 2.39 7.03 -3.17
CA TYR D 126 2.30 8.28 -2.43
C TYR D 126 3.08 8.14 -1.13
N HIS D 127 3.85 9.14 -0.79
CA HIS D 127 4.70 9.03 0.39
C HIS D 127 5.05 10.42 0.95
N ASP D 128 4.81 10.56 2.24
CA ASP D 128 5.11 11.79 2.98
C ASP D 128 4.80 13.08 2.22
N GLY D 129 3.54 13.24 1.79
CA GLY D 129 3.09 14.47 1.18
C GLY D 129 3.28 14.61 -0.32
N LYS D 130 3.96 13.65 -0.94
CA LYS D 130 4.23 13.70 -2.38
C LYS D 130 3.68 12.51 -3.14
N LEU D 131 3.19 12.78 -4.36
CA LEU D 131 2.81 11.75 -5.33
C LEU D 131 4.03 11.27 -6.09
N TYR D 132 4.10 9.96 -6.35
CA TYR D 132 5.16 9.41 -7.17
C TYR D 132 4.59 8.64 -8.36
N CYS D 133 4.44 9.33 -9.48
CA CYS D 133 3.87 8.74 -10.68
C CYS D 133 4.94 8.61 -11.75
N PRO D 134 5.29 7.39 -12.11
CA PRO D 134 6.44 7.19 -12.99
C PRO D 134 6.20 7.54 -14.46
N TYR D 135 4.96 7.65 -14.92
CA TYR D 135 4.77 8.04 -16.32
C TYR D 135 3.58 8.97 -16.48
N VAL D 136 3.83 10.26 -16.70
CA VAL D 136 2.74 11.18 -16.93
C VAL D 136 2.86 11.85 -18.30
N LYS D 137 1.71 12.19 -18.87
CA LYS D 137 1.65 12.95 -20.11
C LYS D 137 1.13 14.35 -19.85
N ALA D 138 1.70 15.31 -20.57
CA ALA D 138 1.13 16.64 -20.60
C ALA D 138 0.60 16.87 -22.01
N LEU D 139 -0.73 17.01 -22.13
CA LEU D 139 -1.38 17.23 -23.41
C LEU D 139 -1.71 18.72 -23.60
N VAL D 140 -1.22 19.29 -24.69
CA VAL D 140 -1.46 20.68 -25.03
C VAL D 140 -2.45 20.76 -26.19
N TYR D 141 -3.68 21.16 -25.88
CA TYR D 141 -4.75 21.20 -26.88
C TYR D 141 -4.69 22.43 -27.76
N LEU D 142 -4.70 22.22 -29.07
CA LEU D 142 -4.61 23.33 -30.01
C LEU D 142 -5.96 23.57 -30.69
N SER D 143 -6.97 22.78 -30.34
CA SER D 143 -8.31 23.08 -30.79
C SER D 143 -9.34 22.79 -29.70
N ASP D 144 -10.54 23.32 -29.87
CA ASP D 144 -11.55 23.25 -28.81
C ASP D 144 -12.35 21.95 -28.90
N ILE D 145 -12.57 21.31 -27.76
CA ILE D 145 -13.36 20.08 -27.72
C ILE D 145 -14.42 20.24 -26.63
N GLN D 146 -15.67 20.41 -27.05
CA GLN D 146 -16.71 20.83 -26.12
C GLN D 146 -17.94 19.94 -26.13
N SER D 147 -17.91 18.93 -26.98
CA SER D 147 -18.96 17.95 -27.06
C SER D 147 -18.34 16.59 -27.33
N PRO D 148 -19.01 15.51 -26.91
CA PRO D 148 -18.48 14.17 -27.21
C PRO D 148 -18.26 13.92 -28.72
N GLU D 149 -19.05 14.53 -29.58
CA GLU D 149 -18.95 14.29 -31.02
C GLU D 149 -17.76 15.01 -31.66
N ASP D 150 -17.11 15.88 -30.90
CA ASP D 150 -15.82 16.44 -31.31
C ASP D 150 -14.71 15.44 -31.03
N GLY D 151 -15.08 14.39 -30.30
CA GLY D 151 -14.16 13.31 -29.99
C GLY D 151 -13.49 13.61 -28.67
N SER D 152 -14.29 13.87 -27.64
CA SER D 152 -13.75 14.27 -26.35
C SER D 152 -12.94 13.16 -25.69
N PHE D 153 -11.90 13.56 -24.96
CA PHE D 153 -11.20 12.68 -24.04
C PHE D 153 -12.21 12.03 -23.08
N CYS D 154 -12.05 10.73 -22.84
CA CYS D 154 -12.90 10.04 -21.87
C CYS D 154 -12.08 9.04 -21.06
N TYR D 155 -12.57 8.74 -19.86
CA TYR D 155 -11.85 7.91 -18.91
C TYR D 155 -12.83 7.11 -18.04
N VAL D 156 -12.36 5.96 -17.55
CA VAL D 156 -13.08 5.19 -16.56
C VAL D 156 -12.72 5.70 -15.17
N GLN D 157 -13.71 6.18 -14.40
CA GLN D 157 -13.41 6.79 -13.10
C GLN D 157 -12.65 5.89 -12.12
N GLY D 158 -11.66 6.46 -11.46
CA GLY D 158 -10.93 5.79 -10.41
C GLY D 158 -10.11 4.60 -10.89
N SER D 159 -10.05 4.42 -12.21
CA SER D 159 -9.37 3.28 -12.79
C SER D 159 -7.83 3.37 -12.70
N HIS D 160 -7.31 4.52 -12.29
CA HIS D 160 -5.88 4.67 -12.12
C HIS D 160 -5.43 3.98 -10.83
N LYS D 161 -6.40 3.60 -9.99
CA LYS D 161 -6.12 2.92 -8.72
C LYS D 161 -6.89 1.61 -8.64
N ALA D 162 -7.34 1.14 -9.80
CA ALA D 162 -8.15 -0.07 -9.86
C ALA D 162 -7.34 -1.29 -9.44
N ASN D 163 -7.98 -2.15 -8.66
CA ASN D 163 -7.39 -3.41 -8.21
C ASN D 163 -7.83 -4.66 -9.01
N PHE D 164 -8.99 -4.60 -9.68
CA PHE D 164 -9.45 -5.70 -10.52
C PHE D 164 -9.25 -5.38 -12.02
N PRO D 165 -9.01 -6.41 -12.85
CA PRO D 165 -9.01 -6.20 -14.30
C PRO D 165 -10.43 -6.02 -14.85
N LEU D 166 -10.60 -5.24 -15.91
CA LEU D 166 -11.94 -4.97 -16.47
C LEU D 166 -12.09 -5.52 -17.88
N LEU D 167 -11.04 -5.39 -18.69
CA LEU D 167 -11.15 -5.69 -20.12
C LEU D 167 -11.08 -7.18 -20.43
N ARG D 168 -10.21 -7.89 -19.72
CA ARG D 168 -9.99 -9.30 -19.99
C ARG D 168 -11.30 -10.08 -20.01
N GLU D 169 -12.16 -9.85 -19.02
CA GLU D 169 -13.42 -10.59 -18.94
C GLU D 169 -14.34 -10.20 -20.08
N ARG D 170 -14.36 -8.92 -20.41
CA ARG D 170 -15.05 -8.46 -21.62
C ARG D 170 -14.53 -9.18 -22.87
N ALA D 171 -13.21 -9.31 -23.00
CA ALA D 171 -12.60 -9.94 -24.17
C ALA D 171 -12.98 -11.41 -24.29
N GLU D 172 -13.05 -12.10 -23.15
CA GLU D 172 -13.36 -13.52 -23.14
C GLU D 172 -14.83 -13.81 -23.35
N ARG D 173 -15.71 -12.95 -22.83
CA ARG D 173 -17.14 -13.05 -23.11
C ARG D 173 -17.40 -12.85 -24.61
N GLY D 174 -16.49 -12.16 -25.28
CA GLY D 174 -16.59 -11.96 -26.71
C GLY D 174 -17.18 -10.63 -27.14
N GLU D 175 -16.97 -9.58 -26.35
CA GLU D 175 -17.47 -8.25 -26.69
C GLU D 175 -16.79 -7.69 -27.94
N ASN D 176 -17.57 -7.02 -28.77
CA ASN D 176 -17.08 -6.55 -30.07
C ASN D 176 -16.88 -5.06 -30.10
N THR D 177 -17.71 -4.35 -29.37
CA THR D 177 -17.70 -2.90 -29.45
C THR D 177 -16.98 -2.29 -28.24
N SER D 178 -16.43 -1.08 -28.44
CA SER D 178 -15.69 -0.41 -27.39
C SER D 178 -16.59 0.37 -26.45
N LEU D 179 -16.12 0.55 -25.22
CA LEU D 179 -16.81 1.35 -24.22
C LEU D 179 -16.97 2.84 -24.59
N VAL D 180 -16.13 3.37 -25.49
CA VAL D 180 -16.28 4.78 -25.89
C VAL D 180 -17.46 4.95 -26.87
N ASP D 181 -18.14 3.84 -27.19
CA ASP D 181 -19.24 3.85 -28.13
C ASP D 181 -20.53 3.47 -27.41
N SER D 182 -20.48 2.37 -26.67
CA SER D 182 -21.64 1.89 -25.93
C SER D 182 -21.87 2.69 -24.65
N GLY D 183 -20.77 3.09 -24.01
CA GLY D 183 -20.84 3.75 -22.72
C GLY D 183 -20.64 2.74 -21.61
N PHE D 184 -20.39 3.23 -20.40
CA PHE D 184 -20.12 2.37 -19.25
C PHE D 184 -20.53 3.18 -18.03
N PRO D 185 -21.02 2.53 -16.97
CA PRO D 185 -21.63 3.39 -15.94
C PRO D 185 -20.68 4.40 -15.33
N THR D 186 -19.38 4.13 -15.33
CA THR D 186 -18.43 5.08 -14.76
C THR D 186 -17.51 5.73 -15.81
N LEU D 187 -17.90 5.70 -17.07
CA LEU D 187 -17.15 6.36 -18.14
C LEU D 187 -17.58 7.82 -18.25
N SER D 188 -16.63 8.73 -18.09
CA SER D 188 -16.93 10.16 -18.14
C SER D 188 -16.15 10.89 -19.23
N ASP D 189 -16.60 12.09 -19.57
CA ASP D 189 -15.99 12.88 -20.62
C ASP D 189 -15.33 14.12 -20.06
N VAL D 190 -14.34 14.62 -20.80
CA VAL D 190 -13.62 15.81 -20.40
C VAL D 190 -13.58 16.76 -21.59
N PHE D 191 -14.10 17.96 -21.38
CA PHE D 191 -14.09 18.98 -22.41
C PHE D 191 -13.01 19.99 -22.06
N VAL D 192 -12.31 20.43 -23.09
CA VAL D 192 -11.16 21.32 -22.92
C VAL D 192 -11.22 22.45 -23.95
N ARG D 193 -10.64 23.59 -23.61
CA ARG D 193 -10.53 24.65 -24.59
C ARG D 193 -9.10 24.76 -25.14
N SER D 194 -8.99 25.41 -26.29
CA SER D 194 -7.71 25.61 -26.93
C SER D 194 -6.77 26.37 -26.00
N GLY D 195 -5.57 25.83 -25.78
CA GLY D 195 -4.60 26.40 -24.87
C GLY D 195 -4.61 25.75 -23.49
N ASP D 196 -5.52 24.81 -23.29
CA ASP D 196 -5.60 24.11 -22.02
C ASP D 196 -4.58 22.97 -21.98
N VAL D 197 -4.12 22.64 -20.79
CA VAL D 197 -3.20 21.51 -20.66
C VAL D 197 -3.86 20.42 -19.87
N LEU D 198 -3.89 19.21 -20.43
CA LEU D 198 -4.35 18.05 -19.69
C LEU D 198 -3.15 17.26 -19.16
N LEU D 199 -3.08 17.17 -17.83
CA LEU D 199 -1.99 16.48 -17.13
C LEU D 199 -2.49 15.10 -16.74
N LEU D 200 -1.84 14.06 -17.25
CA LEU D 200 -2.42 12.74 -17.19
C LEU D 200 -1.55 11.69 -16.50
N ASN D 201 -2.11 11.04 -15.48
CA ASN D 201 -1.49 9.82 -14.96
C ASN D 201 -1.78 8.68 -15.96
N GLU D 202 -0.74 8.04 -16.48
CA GLU D 202 -0.94 6.98 -17.49
C GLU D 202 -1.49 5.67 -16.92
N ALA D 203 -1.61 5.58 -15.60
CA ALA D 203 -2.28 4.42 -15.02
C ALA D 203 -3.80 4.47 -15.27
N LEU D 204 -4.29 5.64 -15.67
CA LEU D 204 -5.72 5.87 -15.91
C LEU D 204 -6.18 5.15 -17.18
N MET D 205 -7.31 4.47 -17.12
CA MET D 205 -7.86 3.89 -18.33
C MET D 205 -8.66 4.97 -19.05
N HIS D 206 -8.29 5.24 -20.29
CA HIS D 206 -8.81 6.39 -21.02
C HIS D 206 -8.72 6.15 -22.54
N GLY D 207 -9.38 7.03 -23.29
CA GLY D 207 -9.38 7.03 -24.73
C GLY D 207 -10.15 8.25 -25.17
N THR D 208 -10.74 8.21 -26.37
CA THR D 208 -11.63 9.30 -26.79
C THR D 208 -12.88 8.80 -27.54
N ARG D 209 -13.95 9.59 -27.46
CA ARG D 209 -15.12 9.38 -28.29
C ARG D 209 -14.76 9.46 -29.78
N ARG D 210 -15.49 8.72 -30.60
CA ARG D 210 -15.41 8.86 -32.03
C ARG D 210 -15.72 10.30 -32.46
N LYS D 211 -14.85 10.88 -33.28
CA LYS D 211 -15.10 12.23 -33.80
C LYS D 211 -16.12 12.19 -34.95
N LEU D 212 -17.17 13.01 -34.84
CA LEU D 212 -18.23 13.01 -35.85
C LEU D 212 -18.35 14.35 -36.57
N THR D 213 -17.55 15.32 -36.15
CA THR D 213 -17.63 16.67 -36.71
C THR D 213 -16.49 16.93 -37.69
N GLU D 214 -16.59 18.01 -38.45
CA GLU D 214 -15.50 18.42 -39.34
C GLU D 214 -14.55 19.33 -38.59
N GLY D 215 -13.52 19.80 -39.30
CA GLY D 215 -12.45 20.57 -38.68
C GLY D 215 -11.46 19.62 -38.04
N ASP D 216 -10.19 19.99 -38.07
CA ASP D 216 -9.17 19.15 -37.48
C ASP D 216 -9.10 19.27 -35.96
N ARG D 217 -8.74 18.16 -35.32
CA ARG D 217 -8.55 18.10 -33.88
C ARG D 217 -7.05 17.99 -33.59
N LEU D 218 -6.44 19.09 -33.15
CA LEU D 218 -5.00 19.16 -32.96
C LEU D 218 -4.57 19.21 -31.51
N LEU D 219 -3.56 18.42 -31.17
CA LEU D 219 -2.88 18.62 -29.89
C LEU D 219 -1.46 18.12 -29.96
N THR D 220 -0.64 18.54 -29.01
CA THR D 220 0.72 18.07 -28.87
C THR D 220 0.85 17.36 -27.53
N ALA D 221 1.68 16.33 -27.44
CA ALA D 221 1.78 15.58 -26.19
C ALA D 221 3.21 15.33 -25.82
N PHE D 222 3.51 15.58 -24.56
CA PHE D 222 4.85 15.34 -24.04
C PHE D 222 4.73 14.41 -22.84
N GLY D 223 5.53 13.34 -22.84
CA GLY D 223 5.51 12.36 -21.78
C GLY D 223 6.81 12.35 -21.00
N TYR D 224 6.69 12.22 -19.69
CA TYR D 224 7.82 12.34 -18.79
C TYR D 224 7.85 11.21 -17.77
N GLY D 225 9.06 10.81 -17.37
CA GLY D 225 9.23 9.85 -16.30
C GLY D 225 10.57 10.03 -15.62
N PRO D 226 10.94 9.08 -14.74
CA PRO D 226 12.26 9.09 -14.11
C PRO D 226 13.35 8.83 -15.12
N THR D 227 14.58 9.25 -14.80
CA THR D 227 15.73 9.16 -15.70
C THR D 227 16.11 7.74 -16.07
N PHE D 228 15.71 6.75 -15.27
CA PHE D 228 16.06 5.36 -15.57
C PHE D 228 15.05 4.67 -16.47
N PHE D 229 14.07 5.42 -16.95
CA PHE D 229 13.17 4.92 -17.97
C PHE D 229 13.77 5.12 -19.35
N THR D 230 13.60 4.14 -20.22
CA THR D 230 14.00 4.30 -21.60
C THR D 230 12.98 5.22 -22.30
N GLU D 231 13.41 5.92 -23.35
CA GLU D 231 12.48 6.70 -24.16
C GLU D 231 11.40 5.80 -24.75
N TRP D 232 10.21 6.34 -24.94
CA TRP D 232 9.07 5.53 -25.32
C TRP D 232 9.20 4.89 -26.69
N ARG D 233 9.05 3.57 -26.71
CA ARG D 233 8.92 2.80 -27.94
C ARG D 233 8.05 1.58 -27.62
N GLU D 234 7.24 1.15 -28.58
CA GLU D 234 6.42 -0.01 -28.34
C GLU D 234 7.26 -1.28 -28.54
N LEU D 235 7.04 -2.26 -27.67
CA LEU D 235 7.75 -3.54 -27.74
C LEU D 235 6.72 -4.67 -27.60
N ASP D 236 6.83 -5.68 -28.46
CA ASP D 236 5.84 -6.75 -28.52
C ASP D 236 5.92 -7.73 -27.34
N ALA D 237 7.13 -8.16 -27.02
CA ALA D 237 7.41 -9.05 -25.89
C ALA D 237 8.90 -8.93 -25.55
N GLU D 238 9.29 -9.47 -24.39
CA GLU D 238 10.70 -9.47 -24.04
C GLU D 238 11.40 -10.32 -25.09
N THR D 239 12.58 -9.88 -25.52
CA THR D 239 13.30 -10.58 -26.56
C THR D 239 14.05 -11.76 -25.96
N ALA D 240 14.40 -12.73 -26.80
CA ALA D 240 15.09 -13.95 -26.37
C ALA D 240 16.45 -13.65 -25.76
N ASP D 241 17.06 -12.54 -26.14
CA ASP D 241 18.38 -12.21 -25.62
C ASP D 241 18.30 -11.20 -24.45
N LEU D 242 17.08 -10.91 -24.01
CA LEU D 242 16.82 -9.98 -22.91
C LEU D 242 17.46 -8.62 -23.16
N ARG D 243 17.67 -8.28 -24.43
CA ARG D 243 18.24 -6.98 -24.78
C ARG D 243 17.19 -6.01 -25.30
N GLY D 244 15.97 -6.49 -25.51
CA GLY D 244 14.89 -5.64 -25.96
C GLY D 244 14.57 -4.53 -24.97
N ALA D 245 14.52 -3.29 -25.45
CA ALA D 245 14.08 -2.18 -24.63
C ALA D 245 12.70 -1.66 -25.09
N GLY D 246 11.93 -1.13 -24.17
CA GLY D 246 10.63 -0.57 -24.50
C GLY D 246 9.48 -1.01 -23.61
N TYR D 247 8.26 -0.74 -24.05
CA TYR D 247 7.10 -0.84 -23.20
C TYR D 247 6.11 -1.84 -23.79
N VAL D 248 5.85 -2.91 -23.06
CA VAL D 248 4.89 -3.92 -23.49
C VAL D 248 3.53 -3.60 -22.89
N ASP D 249 2.54 -3.42 -23.73
CA ASP D 249 1.23 -3.05 -23.23
C ASP D 249 0.42 -4.26 -22.78
N HIS D 250 -0.43 -4.00 -21.80
CA HIS D 250 -1.33 -4.99 -21.26
C HIS D 250 -2.61 -4.97 -22.10
N ASP D 251 -3.67 -5.60 -21.61
CA ASP D 251 -4.94 -5.59 -22.34
C ASP D 251 -5.41 -4.17 -22.69
N VAL D 252 -5.67 -3.98 -23.98
CA VAL D 252 -6.29 -2.77 -24.48
C VAL D 252 -7.48 -3.20 -25.33
N GLU D 253 -8.37 -2.27 -25.65
CA GLU D 253 -9.56 -2.63 -26.41
C GLU D 253 -9.24 -2.97 -27.87
N GLU D 254 -8.18 -2.36 -28.42
CA GLU D 254 -7.77 -2.64 -29.79
C GLU D 254 -7.49 -4.12 -30.05
N ASP D 255 -7.17 -4.86 -29.00
CA ASP D 255 -6.96 -6.30 -29.10
C ASP D 255 -8.20 -7.10 -29.53
N PHE D 256 -9.39 -6.57 -29.24
CA PHE D 256 -10.59 -7.33 -29.55
C PHE D 256 -11.75 -6.46 -30.08
N VAL D 257 -11.45 -5.24 -30.52
CA VAL D 257 -12.45 -4.33 -31.08
C VAL D 257 -11.96 -3.70 -32.39
#